data_3EO3
#
_entry.id   3EO3
#
_cell.length_a   127.946
_cell.length_b   127.946
_cell.length_c   127.247
_cell.angle_alpha   90.000
_cell.angle_beta   90.000
_cell.angle_gamma   120.000
#
_symmetry.space_group_name_H-M   'P 31 2 1'
#
loop_
_entity.id
_entity.type
_entity.pdbx_description
1 polymer 'Bifunctional UDP-N-acetylglucosamine 2-epimerase/N-acetylmannosamine kinase'
2 non-polymer 'ZINC ION'
3 non-polymer 'UNKNOWN ATOM OR ION'
#
_entity_poly.entity_id   1
_entity_poly.type   'polypeptide(L)'
_entity_poly.pdbx_seq_one_letter_code
;MHHHHHHSSGRENLYFQGTLSALAVDLGGTNLRVAIVSMKGEIVKKYTQFNPKTYEERINLILQMCVEAAAEAVKLNCRI
LGVGISTGGRVNPREGIVLHSTKLIQEWNSVDLRTPLSDTLHLPVWVDNDGNCAALAERKFGQGKGLENFVTLITGTGIG
GGIIHQHELIHGSSFCAAELGHLVVSLDGPDCSCGSHGCIEAYASGMALQREAKKLHDEDLLLVEGMSVPKDEAVGALHL
IQAAKLGNAKAQSILRTAGTALGLGVVNILHTMNPSLVILSGVLASHYIHIVKDVIRQQALSSVQDVDVVVSDLVDPALL
GAASMVLDYTTRR
;
_entity_poly.pdbx_strand_id   A,B,C
#
loop_
_chem_comp.id
_chem_comp.type
_chem_comp.name
_chem_comp.formula
UNX non-polymer 'UNKNOWN ATOM OR ION' ?
ZN non-polymer 'ZINC ION' 'Zn 2'
#
# COMPACT_ATOMS: atom_id res chain seq x y z
N THR A 19 -11.99 -22.89 -2.44
CA THR A 19 -13.05 -21.83 -2.43
C THR A 19 -12.56 -20.60 -1.72
N LEU A 20 -12.11 -19.60 -2.49
CA LEU A 20 -11.66 -18.31 -1.95
C LEU A 20 -12.68 -17.71 -0.96
N SER A 21 -12.16 -17.26 0.17
CA SER A 21 -12.99 -16.81 1.29
C SER A 21 -12.18 -16.00 2.31
N ALA A 22 -12.89 -15.47 3.30
CA ALA A 22 -12.27 -14.76 4.44
C ALA A 22 -13.07 -14.99 5.73
N LEU A 23 -12.45 -14.74 6.87
CA LEU A 23 -13.12 -14.81 8.16
C LEU A 23 -13.66 -13.43 8.47
N ALA A 24 -14.90 -13.35 8.91
CA ALA A 24 -15.50 -12.07 9.30
C ALA A 24 -15.86 -12.13 10.77
N VAL A 25 -15.46 -11.09 11.50
CA VAL A 25 -15.74 -10.98 12.93
C VAL A 25 -16.65 -9.79 13.20
N ASP A 26 -17.71 -10.03 13.96
CA ASP A 26 -18.63 -8.97 14.34
C ASP A 26 -18.66 -8.84 15.86
N LEU A 27 -18.03 -7.76 16.36
CA LEU A 27 -18.05 -7.43 17.78
C LEU A 27 -19.22 -6.47 17.99
N GLY A 28 -20.41 -7.00 18.16
CA GLY A 28 -21.60 -6.16 18.22
C GLY A 28 -22.32 -6.16 19.54
N GLY A 29 -23.64 -6.16 19.46
CA GLY A 29 -24.47 -6.16 20.66
C GLY A 29 -24.52 -7.53 21.30
N THR A 30 -24.20 -7.58 22.60
CA THR A 30 -24.33 -8.80 23.42
C THR A 30 -23.46 -9.97 22.91
N ASN A 31 -23.56 -10.28 21.62
CA ASN A 31 -22.88 -11.43 21.06
C ASN A 31 -21.70 -11.10 20.17
N LEU A 32 -20.86 -12.11 20.00
CA LEU A 32 -19.67 -12.00 19.22
C LEU A 32 -19.79 -13.10 18.19
N ARG A 33 -19.77 -12.70 16.92
CA ARG A 33 -19.99 -13.62 15.85
C ARG A 33 -18.81 -13.65 14.95
N VAL A 34 -18.41 -14.86 14.57
CA VAL A 34 -17.36 -15.09 13.58
C VAL A 34 -17.94 -16.02 12.51
N ALA A 35 -17.63 -15.74 11.24
CA ALA A 35 -18.16 -16.55 10.14
C ALA A 35 -17.16 -16.76 9.01
N ILE A 36 -17.26 -17.91 8.36
CA ILE A 36 -16.54 -18.14 7.10
C ILE A 36 -17.45 -17.61 5.98
N VAL A 37 -16.95 -16.64 5.21
CA VAL A 37 -17.73 -16.06 4.14
C VAL A 37 -17.05 -16.28 2.80
N SER A 38 -17.83 -16.75 1.82
CA SER A 38 -17.30 -17.01 0.50
C SER A 38 -17.17 -15.72 -0.29
N MET A 39 -16.33 -15.76 -1.30
CA MET A 39 -16.19 -14.66 -2.24
C MET A 39 -17.54 -14.17 -2.80
N LYS A 40 -18.44 -15.09 -3.09
CA LYS A 40 -19.75 -14.74 -3.65
C LYS A 40 -20.74 -14.24 -2.60
N GLY A 41 -20.31 -14.19 -1.33
CA GLY A 41 -21.14 -13.64 -0.26
C GLY A 41 -21.91 -14.67 0.56
N GLU A 42 -21.64 -15.94 0.32
CA GLU A 42 -22.30 -17.01 1.06
C GLU A 42 -21.65 -17.10 2.45
N ILE A 43 -22.48 -17.16 3.49
CA ILE A 43 -21.99 -17.32 4.85
C ILE A 43 -21.94 -18.82 5.14
N VAL A 44 -20.79 -19.42 4.84
CA VAL A 44 -20.62 -20.88 4.91
C VAL A 44 -20.97 -21.46 6.27
N LYS A 45 -20.21 -21.06 7.30
CA LYS A 45 -20.46 -21.46 8.71
C LYS A 45 -20.40 -20.21 9.57
N LYS A 46 -21.20 -20.20 10.64
CA LYS A 46 -21.34 -19.02 11.50
C LYS A 46 -21.42 -19.38 12.99
N TYR A 47 -20.45 -18.89 13.76
CA TYR A 47 -20.37 -19.11 15.21
C TYR A 47 -20.83 -17.83 15.91
N THR A 48 -21.65 -17.97 16.95
CA THR A 48 -22.03 -16.83 17.80
C THR A 48 -21.74 -17.19 19.25
N GLN A 49 -21.20 -16.23 20.00
CA GLN A 49 -20.90 -16.45 21.44
C GLN A 49 -21.03 -15.16 22.23
N PHE A 50 -20.96 -15.30 23.54
CA PHE A 50 -21.02 -14.14 24.43
C PHE A 50 -19.87 -13.20 24.13
N ASN A 51 -20.14 -11.91 24.13
CA ASN A 51 -19.11 -10.91 23.83
C ASN A 51 -18.55 -10.30 25.12
N PRO A 52 -17.37 -10.77 25.55
CA PRO A 52 -16.86 -10.28 26.82
C PRO A 52 -16.79 -8.76 26.84
N LYS A 53 -17.20 -8.19 27.96
CA LYS A 53 -17.15 -6.74 28.12
C LYS A 53 -15.71 -6.23 28.20
N THR A 54 -14.85 -6.95 28.92
CA THR A 54 -13.47 -6.51 29.09
C THR A 54 -12.60 -6.96 27.88
N TYR A 55 -11.75 -6.05 27.38
CA TYR A 55 -10.98 -6.23 26.13
C TYR A 55 -9.94 -7.34 26.14
N GLU A 56 -9.18 -7.45 27.23
CA GLU A 56 -8.15 -8.52 27.34
C GLU A 56 -8.78 -9.88 27.01
N GLU A 57 -10.01 -10.08 27.50
CA GLU A 57 -10.75 -11.31 27.31
C GLU A 57 -11.42 -11.39 25.95
N ARG A 58 -11.89 -10.24 25.46
CA ARG A 58 -12.53 -10.20 24.16
C ARG A 58 -11.56 -10.63 23.07
N ILE A 59 -10.30 -10.23 23.20
CA ILE A 59 -9.31 -10.60 22.20
C ILE A 59 -9.06 -12.10 22.25
N ASN A 60 -8.94 -12.63 23.45
CA ASN A 60 -8.71 -14.06 23.61
C ASN A 60 -9.79 -14.87 22.91
N LEU A 61 -11.05 -14.55 23.20
CA LEU A 61 -12.17 -15.27 22.60
C LEU A 61 -12.10 -15.24 21.06
N ILE A 62 -11.89 -14.04 20.50
CA ILE A 62 -11.74 -13.87 19.06
C ILE A 62 -10.69 -14.81 18.48
N LEU A 63 -9.52 -14.85 19.10
CA LEU A 63 -8.43 -15.74 18.63
C LEU A 63 -8.92 -17.18 18.54
N GLN A 64 -9.51 -17.65 19.63
CA GLN A 64 -9.99 -19.00 19.73
C GLN A 64 -11.01 -19.29 18.65
N MET A 65 -12.04 -18.45 18.56
CA MET A 65 -13.12 -18.65 17.59
C MET A 65 -12.59 -18.61 16.15
N CYS A 66 -11.59 -17.78 15.92
CA CYS A 66 -10.93 -17.68 14.62
C CYS A 66 -10.13 -18.93 14.32
N VAL A 67 -9.26 -19.32 15.25
CA VAL A 67 -8.45 -20.51 15.08
C VAL A 67 -9.35 -21.73 14.77
N GLU A 68 -10.50 -21.82 15.44
CA GLU A 68 -11.44 -22.92 15.18
C GLU A 68 -12.06 -22.74 13.81
N ALA A 69 -12.58 -21.55 13.53
CA ALA A 69 -13.14 -21.27 12.19
C ALA A 69 -12.11 -21.56 11.08
N ALA A 70 -10.90 -21.05 11.27
CA ALA A 70 -9.82 -21.23 10.32
C ALA A 70 -9.56 -22.72 10.10
N ALA A 71 -9.32 -23.45 11.20
CA ALA A 71 -9.09 -24.90 11.15
C ALA A 71 -10.20 -25.60 10.36
N GLU A 72 -11.44 -25.19 10.62
CA GLU A 72 -12.63 -25.74 9.94
C GLU A 72 -12.59 -25.43 8.45
N ALA A 73 -12.24 -24.20 8.09
CA ALA A 73 -12.13 -23.80 6.68
C ALA A 73 -11.18 -24.74 5.93
N VAL A 74 -10.08 -25.13 6.57
CA VAL A 74 -9.17 -26.11 6.00
C VAL A 74 -9.95 -27.39 5.74
N LYS A 75 -10.75 -27.81 6.72
CA LYS A 75 -11.59 -29.02 6.56
C LYS A 75 -12.69 -28.82 5.50
N LEU A 76 -13.26 -27.63 5.39
CA LEU A 76 -14.44 -27.41 4.54
C LEU A 76 -14.10 -27.01 3.08
N ASN A 77 -12.84 -27.18 2.68
CA ASN A 77 -12.37 -26.84 1.35
C ASN A 77 -12.56 -25.36 1.04
N CYS A 78 -11.92 -24.53 1.87
CA CYS A 78 -11.99 -23.06 1.75
C CYS A 78 -10.62 -22.41 1.91
N ARG A 79 -10.14 -21.73 0.86
CA ARG A 79 -8.92 -20.93 0.97
C ARG A 79 -9.28 -19.58 1.62
N ILE A 80 -8.86 -19.40 2.86
CA ILE A 80 -9.14 -18.16 3.57
C ILE A 80 -8.05 -17.14 3.31
N LEU A 81 -8.44 -15.99 2.79
CA LEU A 81 -7.51 -14.94 2.40
C LEU A 81 -7.13 -14.01 3.54
N GLY A 82 -7.99 -13.89 4.54
CA GLY A 82 -7.68 -12.98 5.65
C GLY A 82 -8.78 -12.87 6.67
N VAL A 83 -8.73 -11.81 7.48
CA VAL A 83 -9.69 -11.60 8.55
C VAL A 83 -10.19 -10.15 8.56
N GLY A 84 -11.51 -9.99 8.61
CA GLY A 84 -12.13 -8.67 8.65
C GLY A 84 -12.92 -8.54 9.92
N ILE A 85 -12.88 -7.35 10.51
CA ILE A 85 -13.51 -7.13 11.80
C ILE A 85 -14.37 -5.88 11.84
N SER A 86 -15.67 -6.08 12.09
CA SER A 86 -16.60 -4.98 12.35
C SER A 86 -16.64 -4.76 13.86
N THR A 87 -16.85 -3.51 14.28
CA THR A 87 -16.81 -3.15 15.69
C THR A 87 -17.97 -2.18 16.01
N ASP A 112 -5.65 -2.46 18.79
CA ASP A 112 -4.58 -3.45 18.95
C ASP A 112 -5.05 -4.88 18.60
N LEU A 113 -6.04 -4.97 17.72
CA LEU A 113 -6.60 -6.27 17.29
C LEU A 113 -5.77 -6.90 16.18
N ARG A 114 -5.15 -6.06 15.35
CA ARG A 114 -4.37 -6.53 14.22
C ARG A 114 -3.18 -7.38 14.69
N THR A 115 -2.32 -6.80 15.52
CA THR A 115 -1.08 -7.44 15.95
C THR A 115 -1.24 -8.94 16.32
N PRO A 116 -2.05 -9.26 17.35
CA PRO A 116 -2.12 -10.64 17.83
C PRO A 116 -2.73 -11.65 16.84
N LEU A 117 -3.76 -11.23 16.09
CA LEU A 117 -4.43 -12.12 15.11
C LEU A 117 -3.54 -12.46 13.92
N SER A 118 -2.92 -11.43 13.33
CA SER A 118 -2.03 -11.62 12.19
C SER A 118 -0.86 -12.50 12.59
N ASP A 119 -0.32 -12.25 13.78
CA ASP A 119 0.78 -13.07 14.30
C ASP A 119 0.37 -14.55 14.38
N THR A 120 -0.74 -14.83 15.08
CA THR A 120 -1.17 -16.21 15.33
C THR A 120 -1.70 -16.91 14.08
N LEU A 121 -2.66 -16.28 13.41
CA LEU A 121 -3.35 -16.89 12.27
C LEU A 121 -2.60 -16.79 10.95
N HIS A 122 -1.49 -16.05 10.94
CA HIS A 122 -0.69 -15.84 9.72
C HIS A 122 -1.58 -15.33 8.60
N LEU A 123 -2.38 -14.32 8.93
CA LEU A 123 -3.28 -13.73 7.98
C LEU A 123 -3.32 -12.22 8.17
N PRO A 124 -3.63 -11.49 7.11
CA PRO A 124 -3.83 -10.06 7.24
C PRO A 124 -5.15 -9.76 7.93
N VAL A 125 -5.18 -8.69 8.72
CA VAL A 125 -6.40 -8.30 9.42
C VAL A 125 -6.82 -6.88 9.05
N TRP A 126 -8.10 -6.71 8.79
CA TRP A 126 -8.70 -5.42 8.48
C TRP A 126 -9.77 -5.11 9.50
N VAL A 127 -9.84 -3.84 9.90
CA VAL A 127 -10.78 -3.42 10.93
C VAL A 127 -11.46 -2.10 10.57
N ASP A 128 -12.77 -2.04 10.81
CA ASP A 128 -13.53 -0.81 10.58
C ASP A 128 -14.79 -0.92 11.45
N ASN A 129 -15.54 0.16 11.57
CA ASN A 129 -16.67 0.13 12.45
C ASN A 129 -17.91 -0.40 11.77
N ASP A 130 -18.91 -0.74 12.56
CA ASP A 130 -20.12 -1.37 12.09
C ASP A 130 -20.83 -0.56 11.05
N GLY A 131 -20.88 0.75 11.22
CA GLY A 131 -21.57 1.61 10.26
C GLY A 131 -20.92 1.57 8.88
N ASN A 132 -19.59 1.58 8.89
CA ASN A 132 -18.82 1.49 7.66
C ASN A 132 -18.93 0.12 7.02
N CYS A 133 -18.94 -0.92 7.85
CA CYS A 133 -19.09 -2.28 7.35
C CYS A 133 -20.45 -2.50 6.71
N ALA A 134 -21.48 -1.87 7.26
CA ALA A 134 -22.83 -1.92 6.70
C ALA A 134 -22.78 -1.33 5.28
N ALA A 135 -22.11 -0.19 5.13
CA ALA A 135 -21.96 0.45 3.83
C ALA A 135 -21.24 -0.49 2.87
N LEU A 136 -20.15 -1.10 3.35
CA LEU A 136 -19.34 -1.97 2.52
C LEU A 136 -20.08 -3.23 2.12
N ALA A 137 -20.92 -3.74 3.00
CA ALA A 137 -21.74 -4.89 2.67
C ALA A 137 -22.63 -4.55 1.46
N GLU A 138 -23.24 -3.37 1.47
CA GLU A 138 -24.10 -2.94 0.36
C GLU A 138 -23.31 -2.69 -0.93
N ARG A 139 -22.14 -2.06 -0.77
CA ARG A 139 -21.30 -1.76 -1.91
C ARG A 139 -20.84 -3.03 -2.63
N LYS A 140 -20.51 -4.08 -1.90
CA LYS A 140 -20.05 -5.30 -2.54
C LYS A 140 -21.19 -6.22 -2.89
N PHE A 141 -21.99 -6.62 -1.90
CA PHE A 141 -23.04 -7.61 -2.14
C PHE A 141 -24.45 -7.05 -2.23
N GLY A 142 -24.67 -5.83 -1.77
CA GLY A 142 -26.03 -5.27 -1.72
C GLY A 142 -26.39 -4.29 -2.83
N GLN A 143 -27.37 -3.44 -2.52
CA GLN A 143 -27.89 -2.45 -3.47
C GLN A 143 -26.96 -1.25 -3.68
N GLY A 144 -25.73 -1.36 -3.20
CA GLY A 144 -24.72 -0.34 -3.42
C GLY A 144 -23.78 -0.68 -4.57
N LYS A 145 -23.84 -1.93 -5.04
CA LYS A 145 -23.02 -2.39 -6.15
C LYS A 145 -23.05 -1.36 -7.28
N GLY A 146 -21.86 -0.97 -7.73
CA GLY A 146 -21.73 -0.01 -8.79
C GLY A 146 -21.68 1.42 -8.31
N LEU A 147 -22.63 1.82 -7.48
CA LEU A 147 -22.79 3.23 -7.09
C LEU A 147 -21.53 3.96 -6.58
N GLU A 148 -21.40 5.18 -7.10
CA GLU A 148 -20.29 6.08 -6.87
C GLU A 148 -20.42 6.74 -5.52
N ASN A 149 -21.62 7.26 -5.26
CA ASN A 149 -21.91 8.06 -4.08
C ASN A 149 -23.26 7.67 -3.42
N PHE A 150 -23.20 6.95 -2.31
CA PHE A 150 -24.43 6.56 -1.60
C PHE A 150 -24.21 6.52 -0.09
N VAL A 151 -25.34 6.40 0.62
CA VAL A 151 -25.34 6.36 2.09
C VAL A 151 -26.08 5.14 2.60
N THR A 152 -25.60 4.60 3.71
CA THR A 152 -26.26 3.46 4.36
C THR A 152 -26.53 3.91 5.77
N LEU A 153 -27.80 3.97 6.13
CA LEU A 153 -28.23 4.42 7.44
C LEU A 153 -28.79 3.21 8.17
N ILE A 154 -28.17 2.86 9.29
CA ILE A 154 -28.59 1.71 10.08
C ILE A 154 -29.71 2.14 11.00
N THR A 155 -30.87 1.49 10.87
CA THR A 155 -32.03 1.81 11.68
C THR A 155 -32.44 0.59 12.53
N GLY A 156 -31.91 0.54 13.76
CA GLY A 156 -32.24 -0.55 14.72
C GLY A 156 -32.10 -0.09 16.15
N THR A 157 -31.59 -0.94 17.03
CA THR A 157 -31.35 -0.57 18.47
C THR A 157 -30.79 0.83 18.60
N GLY A 158 -29.82 1.11 17.75
CA GLY A 158 -29.21 2.41 17.64
C GLY A 158 -29.25 2.79 16.19
N ILE A 159 -28.80 4.02 15.92
CA ILE A 159 -28.70 4.54 14.56
C ILE A 159 -27.25 4.90 14.25
N GLY A 160 -26.84 4.55 13.05
CA GLY A 160 -25.50 4.83 12.60
C GLY A 160 -25.53 4.71 11.10
N GLY A 161 -24.35 4.66 10.47
CA GLY A 161 -24.28 4.58 9.03
C GLY A 161 -22.91 4.61 8.43
N GLY A 162 -22.87 4.68 7.11
CA GLY A 162 -21.62 4.72 6.35
C GLY A 162 -21.85 5.55 5.11
N ILE A 163 -20.80 6.20 4.65
CA ILE A 163 -20.87 7.09 3.49
C ILE A 163 -19.86 6.68 2.44
N ILE A 164 -20.36 6.14 1.33
CA ILE A 164 -19.51 5.89 0.16
C ILE A 164 -19.54 7.12 -0.70
N HIS A 165 -18.37 7.54 -1.13
CA HIS A 165 -18.21 8.65 -2.05
C HIS A 165 -16.96 8.39 -2.94
N GLN A 166 -17.10 8.62 -4.25
CA GLN A 166 -16.07 8.22 -5.21
C GLN A 166 -15.69 6.74 -4.97
N HIS A 167 -16.72 5.90 -4.78
CA HIS A 167 -16.59 4.43 -4.56
C HIS A 167 -15.95 4.03 -3.22
N GLU A 168 -15.58 5.00 -2.39
CA GLU A 168 -14.84 4.70 -1.16
C GLU A 168 -15.52 5.26 0.09
N LEU A 169 -15.18 4.67 1.23
CA LEU A 169 -15.68 5.15 2.52
C LEU A 169 -15.11 6.54 2.77
N ILE A 170 -15.89 7.35 3.45
CA ILE A 170 -15.36 8.55 4.03
C ILE A 170 -15.02 8.15 5.47
N HIS A 171 -13.74 8.18 5.82
CA HIS A 171 -13.32 7.84 7.19
C HIS A 171 -13.28 9.04 8.14
N GLY A 172 -12.78 10.18 7.67
CA GLY A 172 -12.74 11.41 8.47
C GLY A 172 -11.36 11.69 9.00
N SER A 173 -11.10 12.94 9.37
CA SER A 173 -9.80 13.32 9.88
C SER A 173 -9.48 12.64 11.22
N SER A 174 -10.50 12.54 12.08
CA SER A 174 -10.38 11.87 13.38
C SER A 174 -10.90 10.42 13.31
N PHE A 175 -11.02 9.86 12.10
CA PHE A 175 -11.56 8.49 11.85
C PHE A 175 -13.03 8.29 12.16
N CYS A 176 -13.63 9.25 12.83
CA CYS A 176 -15.03 9.16 13.22
C CYS A 176 -15.97 9.96 12.30
N ALA A 177 -15.91 9.71 10.99
CA ALA A 177 -16.87 10.29 10.03
C ALA A 177 -18.14 9.44 10.03
N ALA A 178 -19.19 9.96 9.40
CA ALA A 178 -20.48 9.27 9.33
C ALA A 178 -21.03 8.81 10.69
N GLU A 179 -21.04 9.71 11.68
CA GLU A 179 -21.70 9.45 13.00
C GLU A 179 -23.14 9.89 12.86
N LEU A 180 -23.87 9.16 12.05
CA LEU A 180 -25.19 9.57 11.61
C LEU A 180 -26.27 9.55 12.71
N GLY A 181 -26.03 8.83 13.80
CA GLY A 181 -26.98 8.79 14.90
C GLY A 181 -27.10 10.10 15.65
N HIS A 182 -26.07 10.93 15.56
CA HIS A 182 -26.03 12.19 16.30
C HIS A 182 -26.07 13.43 15.42
N LEU A 183 -26.82 13.29 14.33
CA LEU A 183 -27.24 14.44 13.55
C LEU A 183 -28.37 15.08 14.37
N VAL A 184 -28.22 16.37 14.65
CA VAL A 184 -29.11 17.13 15.51
C VAL A 184 -30.17 17.85 14.68
N VAL A 185 -31.44 17.52 14.90
CA VAL A 185 -32.57 18.09 14.16
C VAL A 185 -33.51 18.88 15.09
N SER A 186 -32.97 19.34 16.22
CA SER A 186 -33.75 20.04 17.23
C SER A 186 -32.86 20.88 18.13
N LEU A 187 -33.31 22.10 18.44
CA LEU A 187 -32.62 22.98 19.39
C LEU A 187 -32.77 22.49 20.84
N ASP A 188 -33.80 21.68 21.10
CA ASP A 188 -34.15 21.27 22.47
C ASP A 188 -34.80 19.89 22.43
N GLY A 189 -34.10 18.89 21.97
CA GLY A 189 -34.76 17.60 21.82
C GLY A 189 -34.74 16.71 23.05
N PRO A 190 -35.05 15.42 22.85
CA PRO A 190 -34.87 14.39 23.86
C PRO A 190 -33.40 14.18 24.13
N ASP A 191 -33.07 13.72 25.32
CA ASP A 191 -31.68 13.46 25.66
C ASP A 191 -31.18 12.27 24.92
N CYS A 192 -29.88 12.31 24.61
CA CYS A 192 -29.23 11.27 23.86
C CYS A 192 -28.09 10.67 24.68
N SER A 193 -27.87 9.37 24.50
CA SER A 193 -26.80 8.62 25.17
C SER A 193 -25.40 9.15 24.90
N CYS A 194 -25.23 9.94 23.84
CA CYS A 194 -23.94 10.61 23.60
C CYS A 194 -23.74 11.79 24.56
N GLY A 195 -24.78 12.16 25.32
CA GLY A 195 -24.71 13.28 26.27
C GLY A 195 -25.40 14.57 25.83
N SER A 196 -25.67 14.68 24.53
CA SER A 196 -26.33 15.84 23.96
C SER A 196 -27.82 15.57 23.87
N HIS A 197 -28.54 16.43 23.18
CA HIS A 197 -29.98 16.28 22.97
C HIS A 197 -30.37 16.71 21.54
N GLY A 198 -31.45 16.16 21.03
CA GLY A 198 -31.92 16.48 19.69
C GLY A 198 -31.47 15.48 18.65
N CYS A 199 -30.48 14.64 18.99
CA CYS A 199 -29.92 13.66 18.06
C CYS A 199 -30.98 12.81 17.47
N ILE A 200 -30.85 12.44 16.21
CA ILE A 200 -31.84 11.57 15.61
C ILE A 200 -31.86 10.19 16.30
N GLU A 201 -30.73 9.78 16.91
CA GLU A 201 -30.74 8.53 17.70
C GLU A 201 -31.67 8.66 18.95
N ALA A 202 -31.64 9.84 19.57
CA ALA A 202 -32.50 10.15 20.71
C ALA A 202 -33.98 10.02 20.35
N TYR A 203 -34.34 10.25 19.08
CA TYR A 203 -35.73 10.16 18.62
C TYR A 203 -36.14 8.80 18.09
N ALA A 204 -35.36 8.28 17.14
CA ALA A 204 -35.85 7.17 16.30
C ALA A 204 -35.17 5.82 16.48
N SER A 205 -34.30 5.70 17.48
CA SER A 205 -33.61 4.42 17.69
C SER A 205 -34.57 3.41 18.33
N GLY A 206 -34.22 2.13 18.27
CA GLY A 206 -35.00 1.10 18.92
C GLY A 206 -35.05 1.34 20.42
N MET A 207 -33.93 1.76 20.99
CA MET A 207 -33.87 2.10 22.40
C MET A 207 -34.78 3.30 22.67
N ALA A 208 -34.65 4.34 21.86
CA ALA A 208 -35.51 5.52 22.00
C ALA A 208 -36.99 5.12 22.12
N LEU A 209 -37.47 4.37 21.13
CA LEU A 209 -38.86 3.90 21.08
C LEU A 209 -39.25 3.03 22.28
N GLN A 210 -38.32 2.19 22.73
CA GLN A 210 -38.57 1.37 23.90
C GLN A 210 -38.78 2.24 25.13
N ARG A 211 -38.00 3.33 25.26
CA ARG A 211 -38.17 4.26 26.36
C ARG A 211 -39.63 4.80 26.34
N GLU A 212 -40.06 5.23 25.16
CA GLU A 212 -41.42 5.72 24.94
C GLU A 212 -42.48 4.65 25.17
N ALA A 213 -42.19 3.43 24.74
CA ALA A 213 -43.10 2.29 24.94
C ALA A 213 -43.28 1.99 26.42
N LYS A 214 -42.18 2.03 27.17
CA LYS A 214 -42.25 1.81 28.62
C LYS A 214 -43.00 2.95 29.32
N LYS A 215 -42.76 4.20 28.91
CA LYS A 215 -43.38 5.34 29.58
C LYS A 215 -44.90 5.22 29.52
N LEU A 216 -45.41 4.87 28.35
CA LEU A 216 -46.85 4.70 28.13
C LEU A 216 -47.42 3.50 28.90
N HIS A 217 -46.72 2.37 28.85
CA HIS A 217 -47.13 1.15 29.56
C HIS A 217 -47.18 1.38 31.08
N ASP A 218 -46.25 2.19 31.58
CA ASP A 218 -46.20 2.57 33.00
C ASP A 218 -47.41 3.41 33.41
N GLU A 219 -47.94 4.16 32.44
CA GLU A 219 -49.08 5.04 32.65
C GLU A 219 -50.37 4.41 32.17
N ASP A 220 -50.28 3.15 31.71
CA ASP A 220 -51.40 2.41 31.14
C ASP A 220 -52.01 3.12 29.93
N LEU A 221 -51.13 3.57 29.04
CA LEU A 221 -51.53 4.31 27.84
C LEU A 221 -50.98 3.70 26.56
N LEU A 222 -50.45 2.47 26.64
CA LEU A 222 -49.80 1.81 25.49
C LEU A 222 -50.69 0.76 24.86
N LEU A 223 -51.11 -0.22 25.68
CA LEU A 223 -51.90 -1.35 25.21
C LEU A 223 -53.31 -0.86 24.91
N VAL A 224 -53.92 -1.45 23.89
CA VAL A 224 -55.22 -1.01 23.38
C VAL A 224 -55.94 -2.14 22.66
N GLU A 225 -57.26 -2.04 22.57
CA GLU A 225 -58.11 -2.99 21.84
C GLU A 225 -57.63 -4.46 21.88
N GLY A 226 -57.20 -4.93 23.07
CA GLY A 226 -56.84 -6.34 23.29
C GLY A 226 -55.39 -6.70 23.63
N MET A 227 -54.44 -5.88 23.22
CA MET A 227 -53.01 -6.21 23.37
C MET A 227 -52.63 -6.77 24.76
N SER A 228 -51.76 -7.79 24.77
CA SER A 228 -51.29 -8.46 26.00
C SER A 228 -49.79 -8.73 25.90
N VAL A 229 -49.04 -8.30 26.91
CA VAL A 229 -47.59 -8.52 26.96
C VAL A 229 -47.30 -9.69 27.90
N PRO A 230 -46.36 -10.58 27.50
CA PRO A 230 -45.97 -11.70 28.39
C PRO A 230 -45.28 -11.25 29.69
N LYS A 231 -45.30 -12.10 30.70
CA LYS A 231 -44.65 -11.81 31.99
C LYS A 231 -43.16 -11.60 31.78
N ASP A 232 -42.52 -12.50 31.03
CA ASP A 232 -41.09 -12.41 30.73
C ASP A 232 -40.76 -11.23 29.81
N GLU A 233 -41.38 -11.21 28.62
CA GLU A 233 -41.14 -10.13 27.64
C GLU A 233 -41.49 -8.73 28.21
N ALA A 234 -40.89 -7.71 27.60
CA ALA A 234 -41.11 -6.32 28.02
C ALA A 234 -41.23 -5.39 26.81
N VAL A 235 -42.25 -4.52 26.82
CA VAL A 235 -42.59 -3.65 25.69
C VAL A 235 -41.39 -3.03 24.94
N GLY A 236 -41.55 -2.88 23.63
CA GLY A 236 -40.52 -2.35 22.75
C GLY A 236 -41.14 -1.62 21.59
N ALA A 237 -40.39 -1.50 20.49
CA ALA A 237 -40.83 -0.70 19.36
C ALA A 237 -42.01 -1.37 18.63
N LEU A 238 -41.94 -2.69 18.51
CA LEU A 238 -43.02 -3.45 17.84
C LEU A 238 -44.34 -3.20 18.52
N HIS A 239 -44.31 -3.19 19.86
CA HIS A 239 -45.50 -2.91 20.67
C HIS A 239 -46.03 -1.51 20.39
N LEU A 240 -45.12 -0.53 20.38
CA LEU A 240 -45.49 0.84 20.07
C LEU A 240 -46.19 0.91 18.69
N ILE A 241 -45.56 0.27 17.70
CA ILE A 241 -46.08 0.19 16.32
C ILE A 241 -47.42 -0.53 16.25
N GLN A 242 -47.51 -1.66 16.92
CA GLN A 242 -48.75 -2.45 16.97
C GLN A 242 -49.91 -1.67 17.61
N ALA A 243 -49.59 -0.90 18.65
CA ALA A 243 -50.57 -0.05 19.32
C ALA A 243 -51.04 1.02 18.34
N ALA A 244 -50.10 1.68 17.69
CA ALA A 244 -50.43 2.64 16.67
C ALA A 244 -51.33 2.00 15.58
N LYS A 245 -50.85 0.91 15.00
CA LYS A 245 -51.59 0.18 13.97
C LYS A 245 -52.94 -0.34 14.44
N LEU A 246 -53.12 -0.50 15.77
CA LEU A 246 -54.42 -0.93 16.37
C LEU A 246 -55.25 0.27 16.91
N GLY A 247 -54.79 1.49 16.61
CA GLY A 247 -55.56 2.72 16.91
C GLY A 247 -55.06 3.65 18.01
N ASN A 248 -53.84 3.43 18.51
CA ASN A 248 -53.32 4.23 19.64
C ASN A 248 -52.79 5.60 19.18
N ALA A 249 -53.61 6.63 19.38
CA ALA A 249 -53.28 8.00 18.99
C ALA A 249 -51.97 8.48 19.62
N LYS A 250 -51.81 8.25 20.91
CA LYS A 250 -50.55 8.63 21.58
C LYS A 250 -49.36 7.93 20.92
N ALA A 251 -49.53 6.65 20.58
CA ALA A 251 -48.48 5.87 19.94
C ALA A 251 -48.17 6.45 18.58
N GLN A 252 -49.21 6.64 17.79
CA GLN A 252 -49.08 7.21 16.45
C GLN A 252 -48.30 8.53 16.45
N SER A 253 -48.65 9.41 17.38
CA SER A 253 -47.98 10.70 17.54
C SER A 253 -46.48 10.53 17.79
N ILE A 254 -46.15 9.71 18.78
CA ILE A 254 -44.74 9.41 19.12
C ILE A 254 -43.97 8.96 17.88
N LEU A 255 -44.51 7.94 17.21
CA LEU A 255 -43.92 7.40 15.97
C LEU A 255 -43.80 8.44 14.85
N ARG A 256 -44.79 9.34 14.75
CA ARG A 256 -44.76 10.38 13.73
C ARG A 256 -43.53 11.24 13.93
N THR A 257 -43.28 11.65 15.17
CA THR A 257 -42.12 12.49 15.51
C THR A 257 -40.80 11.76 15.28
N ALA A 258 -40.74 10.49 15.65
CA ALA A 258 -39.54 9.71 15.48
C ALA A 258 -39.17 9.63 14.00
N GLY A 259 -40.16 9.34 13.15
CA GLY A 259 -39.94 9.25 11.69
C GLY A 259 -39.61 10.57 11.04
N THR A 260 -40.23 11.64 11.52
CA THR A 260 -39.95 13.00 11.05
C THR A 260 -38.51 13.41 11.39
N ALA A 261 -38.10 13.16 12.64
CA ALA A 261 -36.74 13.47 13.09
C ALA A 261 -35.71 12.73 12.21
N LEU A 262 -35.88 11.42 12.10
CA LEU A 262 -35.03 10.58 11.26
C LEU A 262 -35.05 11.14 9.83
N GLY A 263 -36.24 11.37 9.30
CA GLY A 263 -36.39 11.96 7.97
C GLY A 263 -35.57 13.22 7.79
N LEU A 264 -35.66 14.14 8.76
CA LEU A 264 -34.87 15.37 8.71
C LEU A 264 -33.41 15.03 8.85
N GLY A 265 -33.10 13.95 9.53
CA GLY A 265 -31.73 13.47 9.58
C GLY A 265 -31.27 13.16 8.16
N VAL A 266 -32.05 12.33 7.46
CA VAL A 266 -31.74 11.95 6.08
C VAL A 266 -31.63 13.17 5.18
N VAL A 267 -32.60 14.09 5.31
CA VAL A 267 -32.58 15.33 4.54
C VAL A 267 -31.25 16.05 4.74
N ASN A 268 -30.80 16.16 6.00
CA ASN A 268 -29.48 16.75 6.28
C ASN A 268 -28.36 16.08 5.46
N ILE A 269 -28.38 14.75 5.42
CA ILE A 269 -27.43 14.01 4.59
C ILE A 269 -27.54 14.41 3.11
N LEU A 270 -28.76 14.44 2.59
CA LEU A 270 -28.97 14.78 1.18
C LEU A 270 -28.39 16.14 0.83
N HIS A 271 -28.63 17.11 1.70
CA HIS A 271 -28.15 18.48 1.50
C HIS A 271 -26.66 18.64 1.74
N THR A 272 -26.04 17.64 2.37
CA THR A 272 -24.61 17.65 2.60
C THR A 272 -23.89 16.87 1.49
N MET A 273 -24.32 15.62 1.24
CA MET A 273 -23.65 14.68 0.31
C MET A 273 -24.29 14.56 -1.06
N ASN A 274 -25.60 14.82 -1.17
CA ASN A 274 -26.30 14.69 -2.44
C ASN A 274 -26.02 13.30 -3.01
N PRO A 275 -26.33 12.25 -2.24
CA PRO A 275 -26.12 10.89 -2.70
C PRO A 275 -27.23 10.48 -3.63
N SER A 276 -26.93 9.49 -4.46
CA SER A 276 -27.86 8.98 -5.45
C SER A 276 -28.83 7.98 -4.81
N LEU A 277 -28.41 7.34 -3.72
CA LEU A 277 -29.22 6.31 -3.04
C LEU A 277 -29.06 6.40 -1.54
N VAL A 278 -30.13 6.09 -0.82
CA VAL A 278 -30.03 5.93 0.64
C VAL A 278 -30.60 4.55 1.00
N ILE A 279 -29.78 3.73 1.65
CA ILE A 279 -30.18 2.38 2.02
C ILE A 279 -30.43 2.31 3.50
N LEU A 280 -31.71 2.26 3.87
CA LEU A 280 -32.09 2.04 5.27
C LEU A 280 -31.89 0.56 5.55
N SER A 281 -31.23 0.27 6.66
CA SER A 281 -30.88 -1.09 7.01
C SER A 281 -31.09 -1.40 8.52
N GLY A 282 -31.63 -2.57 8.82
CA GLY A 282 -31.86 -2.98 10.20
C GLY A 282 -33.33 -3.24 10.50
N VAL A 283 -33.60 -3.70 11.71
CA VAL A 283 -34.98 -4.13 12.07
C VAL A 283 -36.06 -3.03 11.90
N LEU A 284 -35.68 -1.76 12.00
CA LEU A 284 -36.65 -0.66 11.86
C LEU A 284 -36.71 -0.05 10.47
N ALA A 285 -35.85 -0.49 9.55
CA ALA A 285 -35.82 0.07 8.19
C ALA A 285 -37.18 -0.03 7.52
N SER A 286 -37.74 -1.25 7.51
CA SER A 286 -39.08 -1.50 6.93
C SER A 286 -40.13 -0.53 7.46
N HIS A 287 -40.09 -0.24 8.77
CA HIS A 287 -41.05 0.68 9.37
C HIS A 287 -40.88 2.14 8.91
N TYR A 288 -39.64 2.60 8.91
CA TYR A 288 -39.34 4.02 8.69
C TYR A 288 -39.31 4.51 7.22
N ILE A 289 -39.25 3.59 6.27
CA ILE A 289 -39.05 3.98 4.87
C ILE A 289 -40.15 4.89 4.31
N HIS A 290 -41.40 4.61 4.62
CA HIS A 290 -42.51 5.41 4.07
C HIS A 290 -42.43 6.88 4.51
N ILE A 291 -42.20 7.12 5.80
CA ILE A 291 -42.23 8.49 6.34
C ILE A 291 -40.98 9.25 5.96
N VAL A 292 -39.85 8.54 5.87
CA VAL A 292 -38.61 9.18 5.44
C VAL A 292 -38.77 9.77 4.04
N LYS A 293 -39.33 8.97 3.13
CA LYS A 293 -39.63 9.45 1.78
C LYS A 293 -40.55 10.67 1.83
N ASP A 294 -41.59 10.60 2.66
CA ASP A 294 -42.50 11.74 2.83
C ASP A 294 -41.76 12.98 3.31
N VAL A 295 -40.92 12.82 4.33
CA VAL A 295 -40.13 13.93 4.81
C VAL A 295 -39.22 14.46 3.69
N ILE A 296 -38.71 13.56 2.85
CA ILE A 296 -37.89 13.97 1.70
C ILE A 296 -38.72 14.71 0.65
N ARG A 297 -39.92 14.22 0.34
CA ARG A 297 -40.81 14.92 -0.60
C ARG A 297 -41.22 16.25 0.00
N GLN A 298 -41.56 16.25 1.27
CA GLN A 298 -42.04 17.46 1.95
C GLN A 298 -40.98 18.55 2.07
N GLN A 299 -39.81 18.24 2.61
CA GLN A 299 -38.87 19.29 3.03
C GLN A 299 -37.53 19.37 2.31
N ALA A 300 -37.12 18.32 1.59
CA ALA A 300 -35.82 18.35 0.87
C ALA A 300 -35.88 19.32 -0.31
N LEU A 301 -34.73 19.73 -0.81
CA LEU A 301 -34.68 20.64 -1.96
C LEU A 301 -35.05 19.87 -3.22
N SER A 302 -35.72 20.55 -4.15
CA SER A 302 -36.02 20.01 -5.49
C SER A 302 -34.76 19.40 -6.07
N SER A 303 -33.63 20.10 -5.90
CA SER A 303 -32.35 19.69 -6.47
C SER A 303 -31.92 18.26 -6.10
N VAL A 304 -32.47 17.68 -5.04
CA VAL A 304 -32.02 16.36 -4.57
C VAL A 304 -33.16 15.32 -4.40
N GLN A 305 -34.29 15.53 -5.07
CA GLN A 305 -35.46 14.64 -4.97
C GLN A 305 -35.34 13.37 -5.83
N ASP A 306 -34.40 13.36 -6.77
CA ASP A 306 -34.16 12.17 -7.61
C ASP A 306 -33.46 11.05 -6.84
N VAL A 307 -33.02 11.35 -5.61
CA VAL A 307 -32.46 10.33 -4.74
C VAL A 307 -33.49 9.21 -4.57
N ASP A 308 -33.03 7.98 -4.42
CA ASP A 308 -33.92 6.85 -4.13
C ASP A 308 -33.60 6.32 -2.75
N VAL A 309 -34.64 6.00 -1.99
CA VAL A 309 -34.48 5.43 -0.67
C VAL A 309 -34.98 4.00 -0.74
N VAL A 310 -34.16 3.08 -0.23
CA VAL A 310 -34.52 1.67 -0.24
C VAL A 310 -34.26 1.04 1.10
N VAL A 311 -34.87 -0.12 1.33
CA VAL A 311 -34.57 -0.95 2.49
C VAL A 311 -33.55 -2.04 2.07
N SER A 312 -32.59 -2.33 2.94
CA SER A 312 -31.60 -3.37 2.62
C SER A 312 -32.20 -4.77 2.57
N ASP A 313 -31.65 -5.61 1.71
CA ASP A 313 -32.01 -7.03 1.55
C ASP A 313 -31.05 -7.91 2.28
N LEU A 314 -29.90 -7.35 2.68
CA LEU A 314 -28.81 -8.14 3.22
C LEU A 314 -29.06 -8.69 4.62
N VAL A 315 -28.80 -9.99 4.77
CA VAL A 315 -28.75 -10.65 6.06
C VAL A 315 -27.29 -10.61 6.58
N ASP A 316 -27.12 -10.37 7.87
CA ASP A 316 -25.78 -10.33 8.50
C ASP A 316 -24.78 -9.35 7.83
N PRO A 317 -25.23 -8.12 7.50
CA PRO A 317 -24.37 -7.13 6.82
C PRO A 317 -23.04 -6.86 7.50
N ALA A 318 -23.00 -6.86 8.83
CA ALA A 318 -21.75 -6.64 9.57
C ALA A 318 -20.71 -7.65 9.15
N LEU A 319 -21.10 -8.92 9.17
CA LEU A 319 -20.21 -10.00 8.79
C LEU A 319 -19.84 -9.89 7.29
N LEU A 320 -20.84 -9.65 6.44
CA LEU A 320 -20.56 -9.46 5.00
C LEU A 320 -19.59 -8.30 4.79
N GLY A 321 -19.84 -7.17 5.46
CA GLY A 321 -18.96 -6.00 5.40
C GLY A 321 -17.53 -6.28 5.88
N ALA A 322 -17.42 -6.88 7.06
CA ALA A 322 -16.10 -7.31 7.55
C ALA A 322 -15.42 -8.14 6.46
N ALA A 323 -16.13 -9.15 5.97
CA ALA A 323 -15.63 -10.04 4.92
C ALA A 323 -15.19 -9.26 3.68
N SER A 324 -15.99 -8.28 3.30
CA SER A 324 -15.75 -7.52 2.09
C SER A 324 -14.41 -6.77 2.06
N MET A 325 -13.84 -6.47 3.23
CA MET A 325 -12.54 -5.77 3.28
C MET A 325 -11.45 -6.71 2.82
N VAL A 326 -11.44 -7.91 3.40
CA VAL A 326 -10.50 -8.96 3.03
C VAL A 326 -10.68 -9.30 1.55
N LEU A 327 -11.92 -9.65 1.18
CA LEU A 327 -12.22 -10.08 -0.19
C LEU A 327 -11.76 -9.03 -1.19
N ASP A 328 -12.08 -7.77 -0.95
CA ASP A 328 -11.68 -6.68 -1.86
C ASP A 328 -10.16 -6.57 -2.02
N TYR A 329 -9.45 -6.27 -0.93
CA TYR A 329 -7.98 -6.12 -1.00
C TYR A 329 -7.33 -7.33 -1.71
N THR A 330 -7.48 -8.52 -1.14
CA THR A 330 -6.84 -9.74 -1.72
C THR A 330 -7.64 -10.31 -2.91
N THR B 19 25.76 -2.77 -3.82
CA THR B 19 25.09 -3.19 -5.09
C THR B 19 23.62 -3.60 -4.81
N LEU B 20 22.75 -2.59 -4.81
CA LEU B 20 21.32 -2.76 -4.54
C LEU B 20 20.73 -3.94 -5.34
N SER B 21 20.53 -5.09 -4.66
CA SER B 21 20.14 -6.35 -5.30
C SER B 21 18.96 -7.07 -4.61
N ALA B 22 18.61 -8.26 -5.14
CA ALA B 22 17.51 -9.10 -4.63
C ALA B 22 17.87 -10.60 -4.66
N LEU B 23 17.16 -11.40 -3.86
CA LEU B 23 17.34 -12.86 -3.81
C LEU B 23 16.28 -13.59 -4.61
N ALA B 24 16.63 -14.00 -5.84
CA ALA B 24 15.70 -14.74 -6.72
C ALA B 24 15.72 -16.24 -6.38
N VAL B 25 14.57 -16.88 -6.47
CA VAL B 25 14.42 -18.31 -6.17
C VAL B 25 13.48 -18.97 -7.17
N ASP B 26 13.91 -20.11 -7.71
CA ASP B 26 13.19 -20.81 -8.78
C ASP B 26 12.80 -22.22 -8.35
N LEU B 27 11.54 -22.59 -8.60
CA LEU B 27 11.05 -23.95 -8.30
C LEU B 27 10.45 -24.59 -9.57
N GLY B 28 11.25 -25.42 -10.22
CA GLY B 28 10.83 -26.09 -11.47
C GLY B 28 11.15 -27.58 -11.49
N GLY B 29 11.07 -28.16 -12.70
CA GLY B 29 11.28 -29.60 -12.93
C GLY B 29 12.74 -30.01 -12.83
N THR B 30 12.98 -31.06 -12.06
CA THR B 30 14.35 -31.45 -11.71
C THR B 30 14.90 -30.35 -10.78
N ASN B 31 16.16 -29.99 -10.98
CA ASN B 31 16.92 -29.08 -10.07
C ASN B 31 16.21 -27.81 -9.51
N LEU B 32 16.63 -27.40 -8.30
CA LEU B 32 16.14 -26.18 -7.65
C LEU B 32 17.24 -25.10 -7.73
N ARG B 33 16.85 -23.87 -8.10
CA ARG B 33 17.81 -22.76 -8.31
C ARG B 33 17.59 -21.54 -7.36
N VAL B 34 18.69 -20.86 -7.00
CA VAL B 34 18.67 -19.64 -6.17
C VAL B 34 19.77 -18.68 -6.65
N ALA B 35 19.51 -17.37 -6.65
CA ALA B 35 20.50 -16.40 -7.16
C ALA B 35 20.43 -15.00 -6.56
N ILE B 36 21.57 -14.31 -6.58
CA ILE B 36 21.64 -12.90 -6.26
C ILE B 36 21.55 -12.13 -7.60
N VAL B 37 20.63 -11.18 -7.70
CA VAL B 37 20.40 -10.43 -8.95
C VAL B 37 20.45 -8.91 -8.72
N SER B 38 21.32 -8.21 -9.46
CA SER B 38 21.47 -6.75 -9.32
C SER B 38 20.20 -6.03 -9.77
N MET B 39 20.02 -4.78 -9.31
CA MET B 39 18.93 -3.94 -9.80
C MET B 39 19.09 -3.76 -11.33
N LYS B 40 20.34 -3.78 -11.80
CA LYS B 40 20.66 -3.74 -13.22
C LYS B 40 20.17 -5.01 -13.95
N GLY B 41 20.11 -6.14 -13.25
CA GLY B 41 19.63 -7.41 -13.83
C GLY B 41 20.71 -8.48 -13.95
N GLU B 42 21.90 -8.16 -13.46
CA GLU B 42 23.03 -9.09 -13.46
C GLU B 42 22.83 -10.22 -12.44
N ILE B 43 22.92 -11.47 -12.90
CA ILE B 43 22.88 -12.63 -12.01
C ILE B 43 24.28 -12.81 -11.39
N VAL B 44 24.45 -12.32 -10.15
CA VAL B 44 25.74 -12.33 -9.46
C VAL B 44 26.26 -13.74 -9.19
N LYS B 45 25.56 -14.51 -8.36
CA LYS B 45 25.91 -15.92 -8.10
C LYS B 45 24.68 -16.76 -8.35
N LYS B 46 24.87 -18.02 -8.74
CA LYS B 46 23.73 -18.93 -8.96
C LYS B 46 24.00 -20.29 -8.31
N TYR B 47 23.07 -20.70 -7.45
CA TYR B 47 23.17 -21.96 -6.72
C TYR B 47 22.13 -22.95 -7.24
N THR B 48 22.58 -24.09 -7.75
CA THR B 48 21.67 -25.15 -8.20
C THR B 48 21.73 -26.31 -7.22
N GLN B 49 20.70 -27.15 -7.20
CA GLN B 49 20.71 -28.35 -6.35
C GLN B 49 19.59 -29.31 -6.71
N PHE B 50 19.47 -30.38 -5.91
CA PHE B 50 18.40 -31.35 -6.07
C PHE B 50 17.05 -30.71 -5.75
N ASN B 51 15.99 -31.32 -6.28
CA ASN B 51 14.62 -30.90 -6.00
C ASN B 51 13.89 -32.06 -5.30
N PRO B 52 14.02 -32.15 -3.95
CA PRO B 52 13.54 -33.28 -3.14
C PRO B 52 12.14 -33.84 -3.45
N LYS B 53 11.91 -35.07 -2.98
CA LYS B 53 10.60 -35.72 -3.11
C LYS B 53 9.53 -34.93 -2.34
N THR B 54 9.83 -34.65 -1.06
CA THR B 54 8.88 -33.99 -0.15
C THR B 54 9.15 -32.49 0.07
N TYR B 55 8.07 -31.75 0.39
CA TYR B 55 8.15 -30.32 0.72
C TYR B 55 8.90 -30.07 2.03
N GLU B 56 8.85 -31.04 2.94
CA GLU B 56 9.60 -30.96 4.20
C GLU B 56 11.10 -30.99 3.89
N GLU B 57 11.47 -31.79 2.90
CA GLU B 57 12.85 -31.85 2.42
C GLU B 57 13.16 -30.61 1.59
N ARG B 58 12.19 -30.20 0.77
CA ARG B 58 12.35 -29.08 -0.14
C ARG B 58 12.41 -27.72 0.58
N ILE B 59 11.59 -27.55 1.61
CA ILE B 59 11.58 -26.29 2.40
C ILE B 59 12.87 -26.14 3.20
N ASN B 60 13.41 -27.25 3.71
CA ASN B 60 14.66 -27.22 4.47
C ASN B 60 15.84 -26.71 3.62
N LEU B 61 15.89 -27.15 2.37
CA LEU B 61 16.98 -26.78 1.46
C LEU B 61 16.97 -25.28 1.16
N ILE B 62 15.81 -24.76 0.78
CA ILE B 62 15.64 -23.34 0.40
C ILE B 62 16.24 -22.36 1.41
N LEU B 63 15.74 -22.39 2.64
CA LEU B 63 16.22 -21.49 3.69
C LEU B 63 17.74 -21.59 3.82
N GLN B 64 18.27 -22.81 3.68
CA GLN B 64 19.72 -23.06 3.76
C GLN B 64 20.43 -22.40 2.58
N MET B 65 19.89 -22.59 1.37
CA MET B 65 20.45 -21.95 0.18
C MET B 65 20.38 -20.42 0.28
N CYS B 66 19.34 -19.91 0.96
CA CYS B 66 19.12 -18.47 1.11
C CYS B 66 20.08 -17.81 2.08
N VAL B 67 20.21 -18.38 3.26
CA VAL B 67 21.17 -17.85 4.23
C VAL B 67 22.58 -18.04 3.69
N GLU B 68 22.78 -19.08 2.87
CA GLU B 68 24.05 -19.31 2.19
C GLU B 68 24.30 -18.15 1.23
N ALA B 69 23.31 -17.90 0.38
CA ALA B 69 23.36 -16.80 -0.58
C ALA B 69 23.38 -15.44 0.14
N ALA B 70 22.40 -15.21 1.02
CA ALA B 70 22.33 -13.97 1.81
C ALA B 70 23.66 -13.68 2.49
N ALA B 71 24.34 -14.74 2.95
CA ALA B 71 25.67 -14.62 3.56
C ALA B 71 26.69 -14.06 2.56
N GLU B 72 26.68 -14.63 1.36
CA GLU B 72 27.61 -14.20 0.30
C GLU B 72 27.34 -12.75 -0.13
N ALA B 73 26.09 -12.44 -0.44
CA ALA B 73 25.71 -11.09 -0.90
C ALA B 73 26.51 -9.97 -0.21
N VAL B 74 26.49 -9.98 1.12
CA VAL B 74 27.17 -8.96 1.92
C VAL B 74 28.69 -8.96 1.70
N LYS B 75 29.26 -10.15 1.47
CA LYS B 75 30.69 -10.29 1.15
C LYS B 75 31.03 -9.64 -0.20
N LEU B 76 30.09 -9.71 -1.14
CA LEU B 76 30.23 -9.04 -2.44
C LEU B 76 29.53 -7.68 -2.45
N ASN B 77 29.59 -6.98 -1.30
CA ASN B 77 28.92 -5.66 -1.09
C ASN B 77 27.56 -5.49 -1.84
N CYS B 78 26.56 -6.28 -1.44
CA CYS B 78 25.23 -6.26 -2.08
C CYS B 78 24.09 -6.24 -1.08
N ARG B 79 23.30 -5.16 -1.12
CA ARG B 79 22.14 -5.01 -0.24
C ARG B 79 21.00 -5.78 -0.85
N ILE B 80 20.63 -6.90 -0.23
CA ILE B 80 19.48 -7.68 -0.66
C ILE B 80 18.21 -7.03 -0.11
N LEU B 81 17.40 -6.47 -1.02
CA LEU B 81 16.17 -5.80 -0.62
C LEU B 81 15.06 -6.77 -0.23
N GLY B 82 15.21 -8.05 -0.54
CA GLY B 82 14.18 -9.04 -0.25
C GLY B 82 14.33 -10.30 -1.08
N VAL B 83 13.27 -11.12 -1.10
CA VAL B 83 13.30 -12.39 -1.84
C VAL B 83 12.11 -12.51 -2.80
N GLY B 84 12.33 -13.20 -3.92
CA GLY B 84 11.29 -13.44 -4.92
C GLY B 84 11.29 -14.91 -5.32
N ILE B 85 10.11 -15.49 -5.51
CA ILE B 85 9.96 -16.92 -5.79
C ILE B 85 9.03 -17.27 -6.95
N SER B 86 9.57 -18.00 -7.93
CA SER B 86 8.81 -18.56 -9.04
C SER B 86 8.24 -19.92 -8.60
N THR B 87 7.23 -20.41 -9.30
CA THR B 87 6.59 -21.70 -8.97
C THR B 87 5.98 -22.31 -10.26
N ASP B 112 2.47 -20.55 2.25
CA ASP B 112 2.94 -20.01 3.52
C ASP B 112 4.45 -20.19 3.67
N LEU B 113 5.18 -19.88 2.58
CA LEU B 113 6.66 -19.92 2.58
C LEU B 113 7.26 -18.58 2.99
N ARG B 114 6.47 -17.51 2.87
CA ARG B 114 6.87 -16.20 3.41
C ARG B 114 7.06 -16.32 4.93
N THR B 115 6.17 -17.09 5.57
CA THR B 115 6.18 -17.29 7.04
C THR B 115 7.55 -17.74 7.59
N PRO B 116 8.11 -18.86 7.08
CA PRO B 116 9.44 -19.30 7.54
C PRO B 116 10.60 -18.37 7.12
N LEU B 117 10.61 -17.98 5.84
CA LEU B 117 11.69 -17.16 5.27
C LEU B 117 11.73 -15.73 5.80
N SER B 118 10.60 -15.02 5.71
CA SER B 118 10.53 -13.64 6.24
C SER B 118 10.94 -13.61 7.71
N ASP B 119 10.53 -14.62 8.46
CA ASP B 119 10.90 -14.74 9.88
C ASP B 119 12.40 -15.01 10.02
N THR B 120 12.93 -15.96 9.23
CA THR B 120 14.35 -16.35 9.30
C THR B 120 15.28 -15.28 8.74
N LEU B 121 15.10 -14.95 7.47
CA LEU B 121 15.96 -13.99 6.75
C LEU B 121 15.75 -12.52 7.15
N HIS B 122 14.58 -12.23 7.74
CA HIS B 122 14.20 -10.86 8.10
C HIS B 122 14.02 -10.04 6.82
N LEU B 123 13.22 -10.56 5.89
CA LEU B 123 13.08 -9.97 4.56
C LEU B 123 11.71 -10.15 3.92
N PRO B 124 11.26 -9.14 3.17
CA PRO B 124 10.03 -9.30 2.43
C PRO B 124 10.21 -10.37 1.34
N VAL B 125 9.21 -11.24 1.21
CA VAL B 125 9.24 -12.35 0.27
C VAL B 125 8.05 -12.24 -0.64
N TRP B 126 8.29 -12.27 -1.94
CA TRP B 126 7.22 -12.23 -2.94
C TRP B 126 7.12 -13.59 -3.61
N VAL B 127 5.92 -13.95 -4.09
CA VAL B 127 5.71 -15.24 -4.77
C VAL B 127 4.77 -15.11 -5.95
N ASP B 128 5.10 -15.74 -7.05
CA ASP B 128 4.22 -15.76 -8.22
C ASP B 128 4.69 -16.89 -9.13
N ASN B 129 3.82 -17.30 -10.04
CA ASN B 129 4.11 -18.49 -10.85
C ASN B 129 5.05 -18.23 -12.01
N ASP B 130 5.62 -19.32 -12.50
CA ASP B 130 6.59 -19.28 -13.60
C ASP B 130 6.16 -18.45 -14.81
N GLY B 131 4.90 -18.56 -15.22
CA GLY B 131 4.40 -17.83 -16.40
C GLY B 131 4.47 -16.33 -16.21
N ASN B 132 3.93 -15.88 -15.08
CA ASN B 132 3.97 -14.48 -14.71
C ASN B 132 5.38 -13.98 -14.56
N CYS B 133 6.26 -14.77 -13.96
CA CYS B 133 7.68 -14.37 -13.79
C CYS B 133 8.38 -14.25 -15.15
N ALA B 134 7.99 -15.11 -16.09
CA ALA B 134 8.49 -15.03 -17.45
C ALA B 134 8.15 -13.66 -18.02
N ALA B 135 6.91 -13.23 -17.80
CA ALA B 135 6.44 -11.91 -18.27
C ALA B 135 7.14 -10.76 -17.55
N LEU B 136 7.22 -10.84 -16.22
CA LEU B 136 7.83 -9.77 -15.42
C LEU B 136 9.29 -9.60 -15.79
N ALA B 137 9.94 -10.71 -16.15
CA ALA B 137 11.34 -10.68 -16.58
C ALA B 137 11.47 -9.86 -17.85
N GLU B 138 10.60 -10.13 -18.82
CA GLU B 138 10.58 -9.36 -20.08
C GLU B 138 10.25 -7.87 -19.85
N ARG B 139 9.35 -7.60 -18.92
CA ARG B 139 8.97 -6.24 -18.63
C ARG B 139 10.13 -5.46 -18.05
N LYS B 140 10.69 -5.91 -16.94
CA LYS B 140 11.78 -5.17 -16.33
C LYS B 140 13.10 -5.26 -17.12
N PHE B 141 13.42 -6.44 -17.67
CA PHE B 141 14.75 -6.66 -18.30
C PHE B 141 14.74 -7.07 -19.77
N GLY B 142 13.60 -7.49 -20.30
CA GLY B 142 13.53 -8.04 -21.65
C GLY B 142 12.95 -7.09 -22.66
N GLN B 143 12.25 -7.66 -23.63
CA GLN B 143 11.72 -6.88 -24.76
C GLN B 143 10.35 -6.24 -24.47
N GLY B 144 9.85 -6.38 -23.24
CA GLY B 144 8.62 -5.72 -22.83
C GLY B 144 8.87 -4.38 -22.18
N LYS B 145 10.13 -3.97 -22.06
CA LYS B 145 10.46 -2.69 -21.43
C LYS B 145 9.57 -1.58 -21.97
N GLY B 146 8.81 -0.95 -21.07
CA GLY B 146 7.97 0.18 -21.43
C GLY B 146 6.61 -0.15 -22.02
N LEU B 147 6.42 -1.37 -22.52
CA LEU B 147 5.16 -1.73 -23.18
C LEU B 147 3.99 -1.84 -22.20
N GLU B 148 2.86 -1.23 -22.58
CA GLU B 148 1.65 -1.25 -21.76
C GLU B 148 0.99 -2.62 -21.88
N ASN B 149 0.79 -3.08 -23.11
CA ASN B 149 0.09 -4.37 -23.37
C ASN B 149 0.94 -5.35 -24.20
N PHE B 150 1.45 -6.40 -23.56
CA PHE B 150 2.16 -7.47 -24.27
C PHE B 150 1.98 -8.82 -23.57
N VAL B 151 2.26 -9.91 -24.29
CA VAL B 151 2.09 -11.28 -23.77
C VAL B 151 3.37 -12.09 -23.93
N THR B 152 3.73 -12.82 -22.88
CA THR B 152 4.89 -13.70 -22.91
C THR B 152 4.37 -15.13 -22.85
N LEU B 153 4.67 -15.90 -23.90
CA LEU B 153 4.20 -17.29 -24.02
C LEU B 153 5.40 -18.22 -23.91
N ILE B 154 5.42 -19.03 -22.87
CA ILE B 154 6.51 -19.98 -22.69
C ILE B 154 6.27 -21.18 -23.61
N THR B 155 7.24 -21.45 -24.48
CA THR B 155 7.20 -22.57 -25.39
C THR B 155 8.41 -23.46 -25.13
N GLY B 156 8.24 -24.41 -24.23
CA GLY B 156 9.30 -25.38 -23.89
C GLY B 156 8.71 -26.75 -23.62
N THR B 157 9.14 -27.38 -22.53
CA THR B 157 8.60 -28.67 -22.08
C THR B 157 7.11 -28.59 -21.90
N GLY B 158 6.65 -27.41 -21.48
CA GLY B 158 5.24 -27.09 -21.36
C GLY B 158 4.97 -25.75 -22.02
N ILE B 159 3.70 -25.42 -22.14
CA ILE B 159 3.30 -24.11 -22.64
C ILE B 159 2.53 -23.40 -21.57
N GLY B 160 2.83 -22.13 -21.42
CA GLY B 160 2.20 -21.31 -20.41
C GLY B 160 2.64 -19.89 -20.65
N GLY B 161 2.26 -18.98 -19.76
CA GLY B 161 2.66 -17.60 -19.94
C GLY B 161 2.07 -16.57 -19.00
N GLY B 162 2.23 -15.31 -19.40
CA GLY B 162 1.75 -14.19 -18.65
C GLY B 162 1.31 -13.06 -19.55
N ILE B 163 0.28 -12.35 -19.10
CA ILE B 163 -0.31 -11.24 -19.82
C ILE B 163 -0.04 -9.96 -19.03
N ILE B 164 0.55 -8.97 -19.68
CA ILE B 164 0.81 -7.66 -19.08
C ILE B 164 -0.09 -6.65 -19.77
N HIS B 165 -1.03 -6.08 -19.02
CA HIS B 165 -1.95 -5.09 -19.54
C HIS B 165 -1.88 -3.89 -18.64
N GLN B 166 -1.68 -2.74 -19.25
CA GLN B 166 -1.40 -1.51 -18.52
C GLN B 166 -0.20 -1.69 -17.62
N HIS B 167 0.89 -2.22 -18.18
CA HIS B 167 2.16 -2.40 -17.46
C HIS B 167 2.06 -3.31 -16.22
N GLU B 168 1.03 -4.14 -16.16
CA GLU B 168 0.73 -4.92 -14.95
C GLU B 168 0.26 -6.33 -15.27
N LEU B 169 0.48 -7.26 -14.36
CA LEU B 169 0.04 -8.62 -14.55
C LEU B 169 -1.44 -8.73 -14.37
N ILE B 170 -2.05 -9.59 -15.18
CA ILE B 170 -3.40 -10.01 -14.99
C ILE B 170 -3.29 -11.28 -14.15
N HIS B 171 -3.89 -11.26 -12.96
CA HIS B 171 -3.91 -12.43 -12.08
C HIS B 171 -5.25 -13.14 -12.14
N GLY B 172 -6.34 -12.37 -12.25
CA GLY B 172 -7.68 -12.92 -12.48
C GLY B 172 -8.55 -13.06 -11.25
N SER B 173 -9.81 -13.46 -11.48
CA SER B 173 -10.81 -13.61 -10.42
C SER B 173 -10.33 -14.57 -9.29
N SER B 174 -10.02 -15.81 -9.65
CA SER B 174 -9.51 -16.83 -8.71
C SER B 174 -7.99 -17.04 -8.85
N PHE B 175 -7.29 -16.04 -9.38
CA PHE B 175 -5.82 -16.09 -9.55
C PHE B 175 -5.28 -17.11 -10.58
N CYS B 176 -6.08 -17.42 -11.61
CA CYS B 176 -5.71 -18.38 -12.66
C CYS B 176 -5.65 -17.77 -14.05
N ALA B 177 -5.47 -16.47 -14.14
CA ALA B 177 -5.37 -15.82 -15.43
C ALA B 177 -4.15 -16.33 -16.20
N ALA B 178 -4.11 -16.05 -17.49
CA ALA B 178 -3.03 -16.49 -18.36
C ALA B 178 -2.64 -17.98 -18.21
N GLU B 179 -3.63 -18.88 -18.15
CA GLU B 179 -3.39 -20.34 -18.27
C GLU B 179 -3.30 -20.69 -19.75
N LEU B 180 -2.32 -20.07 -20.41
CA LEU B 180 -2.23 -20.04 -21.85
C LEU B 180 -2.00 -21.39 -22.52
N GLY B 181 -1.40 -22.33 -21.81
CA GLY B 181 -1.18 -23.65 -22.38
C GLY B 181 -2.46 -24.44 -22.58
N HIS B 182 -3.55 -23.97 -21.98
CA HIS B 182 -4.82 -24.67 -22.07
C HIS B 182 -5.86 -23.89 -22.87
N LEU B 183 -5.38 -23.11 -23.83
CA LEU B 183 -6.21 -22.56 -24.87
C LEU B 183 -6.55 -23.76 -25.79
N VAL B 184 -7.84 -23.89 -26.15
CA VAL B 184 -8.35 -24.98 -26.97
C VAL B 184 -8.46 -24.54 -28.43
N VAL B 185 -7.94 -25.37 -29.34
CA VAL B 185 -8.00 -25.05 -30.79
C VAL B 185 -8.57 -26.24 -31.59
N SER B 186 -9.42 -27.02 -30.93
CA SER B 186 -10.01 -28.19 -31.52
C SER B 186 -11.19 -28.63 -30.69
N LEU B 187 -12.21 -29.17 -31.36
CA LEU B 187 -13.36 -29.75 -30.69
C LEU B 187 -13.08 -31.21 -30.34
N ASP B 188 -11.97 -31.75 -30.84
CA ASP B 188 -11.62 -33.16 -30.68
C ASP B 188 -10.13 -33.33 -30.88
N GLY B 189 -9.34 -32.72 -30.04
CA GLY B 189 -7.91 -32.81 -30.23
C GLY B 189 -7.27 -33.97 -29.52
N PRO B 190 -5.93 -33.89 -29.32
CA PRO B 190 -5.12 -34.71 -28.42
C PRO B 190 -5.56 -34.55 -26.99
N ASP B 191 -5.43 -35.61 -26.19
CA ASP B 191 -5.67 -35.52 -24.76
C ASP B 191 -4.59 -34.67 -24.11
N CYS B 192 -4.98 -33.99 -23.04
CA CYS B 192 -4.10 -33.09 -22.32
C CYS B 192 -3.95 -33.50 -20.85
N SER B 193 -2.86 -33.05 -20.22
CA SER B 193 -2.57 -33.37 -18.81
C SER B 193 -3.68 -32.89 -17.86
N CYS B 194 -4.37 -31.81 -18.26
CA CYS B 194 -5.46 -31.25 -17.47
C CYS B 194 -6.71 -32.13 -17.47
N GLY B 195 -6.78 -33.09 -18.41
CA GLY B 195 -7.93 -34.00 -18.53
C GLY B 195 -8.75 -33.75 -19.77
N SER B 196 -8.71 -32.50 -20.25
CA SER B 196 -9.42 -32.09 -21.45
C SER B 196 -8.57 -32.39 -22.70
N HIS B 197 -9.05 -31.95 -23.86
CA HIS B 197 -8.37 -32.23 -25.14
C HIS B 197 -8.42 -31.05 -26.08
N GLY B 198 -7.43 -30.94 -26.95
CA GLY B 198 -7.35 -29.85 -27.92
C GLY B 198 -6.54 -28.67 -27.42
N CYS B 199 -5.87 -28.85 -26.28
CA CYS B 199 -5.03 -27.81 -25.69
C CYS B 199 -3.82 -27.57 -26.51
N ILE B 200 -3.43 -26.32 -26.62
CA ILE B 200 -2.23 -26.04 -27.39
C ILE B 200 -1.02 -26.78 -26.75
N GLU B 201 -1.04 -26.93 -25.42
CA GLU B 201 -0.01 -27.71 -24.72
C GLU B 201 -0.05 -29.15 -25.19
N ALA B 202 -1.25 -29.68 -25.35
CA ALA B 202 -1.45 -31.05 -25.84
C ALA B 202 -0.82 -31.25 -27.23
N TYR B 203 -0.72 -30.18 -28.01
CA TYR B 203 -0.13 -30.23 -29.36
C TYR B 203 1.36 -29.90 -29.38
N ALA B 204 1.69 -28.69 -28.91
CA ALA B 204 3.02 -28.11 -29.17
C ALA B 204 4.02 -28.20 -28.02
N SER B 205 3.63 -28.72 -26.87
CA SER B 205 4.57 -28.80 -25.76
C SER B 205 5.72 -29.73 -26.12
N GLY B 206 6.84 -29.58 -25.42
CA GLY B 206 7.98 -30.45 -25.61
C GLY B 206 7.66 -31.90 -25.24
N MET B 207 6.72 -32.07 -24.31
CA MET B 207 6.24 -33.39 -23.93
C MET B 207 5.35 -33.94 -25.02
N ALA B 208 4.47 -33.07 -25.54
CA ALA B 208 3.62 -33.42 -26.66
C ALA B 208 4.49 -33.93 -27.79
N LEU B 209 5.47 -33.13 -28.19
CA LEU B 209 6.40 -33.51 -29.25
C LEU B 209 7.22 -34.76 -28.91
N GLN B 210 7.61 -34.92 -27.64
CA GLN B 210 8.37 -36.10 -27.19
C GLN B 210 7.53 -37.37 -27.33
N ARG B 211 6.27 -37.28 -26.91
CA ARG B 211 5.32 -38.38 -27.05
C ARG B 211 5.28 -38.84 -28.52
N GLU B 212 5.16 -37.87 -29.43
CA GLU B 212 5.18 -38.13 -30.89
C GLU B 212 6.51 -38.71 -31.37
N ALA B 213 7.59 -38.29 -30.72
CA ALA B 213 8.93 -38.80 -31.03
C ALA B 213 9.08 -40.29 -30.68
N LYS B 214 8.53 -40.69 -29.53
CA LYS B 214 8.53 -42.10 -29.11
C LYS B 214 7.69 -42.93 -30.09
N LYS B 215 6.47 -42.46 -30.35
CA LYS B 215 5.54 -43.12 -31.29
C LYS B 215 6.22 -43.53 -32.60
N LEU B 216 6.73 -42.55 -33.35
CA LEU B 216 7.43 -42.82 -34.62
C LEU B 216 8.58 -43.80 -34.43
N HIS B 217 9.39 -43.57 -33.40
CA HIS B 217 10.59 -44.38 -33.15
C HIS B 217 10.25 -45.81 -32.73
N ASP B 218 9.07 -46.01 -32.12
CA ASP B 218 8.59 -47.35 -31.78
C ASP B 218 8.30 -48.14 -33.05
N GLU B 219 7.70 -47.47 -34.04
CA GLU B 219 7.44 -48.06 -35.36
C GLU B 219 8.68 -48.01 -36.27
N ASP B 220 9.80 -47.49 -35.73
CA ASP B 220 11.09 -47.40 -36.46
C ASP B 220 11.02 -46.46 -37.67
N LEU B 221 10.07 -45.52 -37.66
CA LEU B 221 9.85 -44.61 -38.78
C LEU B 221 10.19 -43.15 -38.43
N LEU B 222 11.06 -42.95 -37.43
CA LEU B 222 11.49 -41.61 -37.00
C LEU B 222 12.96 -41.31 -37.39
N LEU B 223 13.83 -42.32 -37.30
CA LEU B 223 15.22 -42.17 -37.70
C LEU B 223 15.32 -42.08 -39.23
N VAL B 224 16.15 -41.16 -39.72
CA VAL B 224 16.34 -40.95 -41.17
C VAL B 224 17.79 -40.61 -41.48
N GLU B 225 18.25 -40.99 -42.67
CA GLU B 225 19.64 -40.75 -43.09
C GLU B 225 20.21 -39.50 -42.44
N GLY B 226 21.15 -39.68 -41.51
CA GLY B 226 21.83 -38.56 -40.87
C GLY B 226 21.86 -38.46 -39.35
N MET B 227 21.39 -39.48 -38.61
CA MET B 227 21.42 -39.42 -37.12
C MET B 227 21.50 -40.79 -36.42
N SER B 228 21.67 -40.77 -35.09
CA SER B 228 21.78 -41.99 -34.27
C SER B 228 21.30 -41.75 -32.84
N ALA B 234 17.53 -41.64 -25.60
CA ALA B 234 16.27 -41.04 -25.17
C ALA B 234 15.68 -40.12 -26.25
N VAL B 235 14.71 -40.62 -27.01
CA VAL B 235 14.06 -39.85 -28.08
C VAL B 235 13.44 -38.54 -27.52
N GLY B 236 13.26 -37.56 -28.39
CA GLY B 236 12.69 -36.29 -27.96
C GLY B 236 12.44 -35.27 -29.05
N ALA B 237 11.84 -34.16 -28.66
CA ALA B 237 11.47 -33.07 -29.57
C ALA B 237 12.60 -32.67 -30.54
N LEU B 238 13.80 -32.42 -29.99
CA LEU B 238 14.94 -31.95 -30.80
C LEU B 238 15.28 -32.91 -31.96
N HIS B 239 15.10 -34.21 -31.71
CA HIS B 239 15.33 -35.23 -32.74
C HIS B 239 14.26 -35.15 -33.83
N LEU B 240 13.00 -35.05 -33.40
CA LEU B 240 11.86 -34.88 -34.33
C LEU B 240 12.14 -33.71 -35.31
N ILE B 241 12.72 -32.63 -34.78
CA ILE B 241 13.07 -31.46 -35.58
C ILE B 241 14.18 -31.76 -36.57
N GLN B 242 15.23 -32.46 -36.11
CA GLN B 242 16.32 -32.85 -37.01
C GLN B 242 15.81 -33.81 -38.10
N ALA B 243 15.05 -34.83 -37.69
CA ALA B 243 14.46 -35.77 -38.65
C ALA B 243 13.67 -34.99 -39.70
N ALA B 244 12.89 -34.00 -39.23
CA ALA B 244 12.17 -33.08 -40.11
C ALA B 244 13.18 -32.38 -41.02
N LYS B 245 14.07 -31.59 -40.40
CA LYS B 245 15.12 -30.85 -41.11
C LYS B 245 15.85 -31.74 -42.12
N LEU B 246 16.25 -32.93 -41.68
CA LEU B 246 16.99 -33.89 -42.53
C LEU B 246 16.07 -34.82 -43.35
N GLY B 247 14.85 -34.37 -43.67
CA GLY B 247 14.01 -35.06 -44.71
C GLY B 247 12.73 -35.82 -44.37
N ASN B 248 12.45 -36.09 -43.09
CA ASN B 248 11.29 -36.92 -42.72
C ASN B 248 9.92 -36.22 -42.88
N ALA B 249 9.03 -36.81 -43.68
CA ALA B 249 7.71 -36.23 -43.97
C ALA B 249 6.69 -36.35 -42.80
N LYS B 250 6.70 -37.49 -42.11
CA LYS B 250 5.81 -37.70 -40.95
C LYS B 250 6.19 -36.74 -39.81
N ALA B 251 7.50 -36.56 -39.61
CA ALA B 251 8.00 -35.60 -38.63
C ALA B 251 7.47 -34.22 -38.98
N GLN B 252 7.77 -33.79 -40.20
CA GLN B 252 7.32 -32.50 -40.70
C GLN B 252 5.80 -32.32 -40.57
N SER B 253 5.06 -33.39 -40.87
CA SER B 253 3.60 -33.36 -40.78
C SER B 253 3.15 -33.12 -39.35
N ILE B 254 3.73 -33.86 -38.41
CA ILE B 254 3.44 -33.71 -36.96
C ILE B 254 3.76 -32.28 -36.49
N LEU B 255 4.86 -31.72 -36.99
CA LEU B 255 5.28 -30.36 -36.64
C LEU B 255 4.36 -29.27 -37.22
N ARG B 256 3.97 -29.42 -38.48
CA ARG B 256 3.10 -28.43 -39.13
C ARG B 256 1.84 -28.25 -38.29
N THR B 257 1.29 -29.37 -37.80
CA THR B 257 0.09 -29.37 -36.96
C THR B 257 0.37 -28.72 -35.60
N ALA B 258 1.48 -29.11 -34.99
CA ALA B 258 1.88 -28.54 -33.70
C ALA B 258 1.98 -27.02 -33.81
N GLY B 259 2.82 -26.54 -34.72
CA GLY B 259 3.01 -25.10 -34.93
C GLY B 259 1.72 -24.36 -35.25
N THR B 260 0.84 -25.01 -36.01
CA THR B 260 -0.45 -24.42 -36.37
C THR B 260 -1.31 -24.29 -35.09
N ALA B 261 -1.50 -25.40 -34.39
CA ALA B 261 -2.24 -25.38 -33.11
C ALA B 261 -1.77 -24.21 -32.20
N LEU B 262 -0.46 -24.07 -32.07
CA LEU B 262 0.15 -23.00 -31.27
C LEU B 262 -0.22 -21.61 -31.81
N GLY B 263 0.02 -21.42 -33.11
CA GLY B 263 -0.32 -20.16 -33.79
C GLY B 263 -1.80 -19.82 -33.63
N LEU B 264 -2.66 -20.83 -33.68
CA LEU B 264 -4.07 -20.60 -33.46
C LEU B 264 -4.33 -20.16 -32.01
N GLY B 265 -3.51 -20.67 -31.08
CA GLY B 265 -3.58 -20.24 -29.70
C GLY B 265 -3.19 -18.78 -29.62
N VAL B 266 -2.07 -18.45 -30.26
CA VAL B 266 -1.61 -17.07 -30.32
C VAL B 266 -2.68 -16.16 -30.92
N VAL B 267 -3.32 -16.63 -31.99
CA VAL B 267 -4.41 -15.88 -32.62
C VAL B 267 -5.53 -15.62 -31.60
N ASN B 268 -5.90 -16.66 -30.85
CA ASN B 268 -6.90 -16.51 -29.81
C ASN B 268 -6.48 -15.43 -28.83
N ILE B 269 -5.20 -15.37 -28.47
CA ILE B 269 -4.74 -14.33 -27.58
C ILE B 269 -4.88 -12.94 -28.23
N LEU B 270 -4.41 -12.81 -29.48
CA LEU B 270 -4.55 -11.56 -30.21
C LEU B 270 -5.99 -11.07 -30.24
N HIS B 271 -6.94 -11.97 -30.46
CA HIS B 271 -8.35 -11.55 -30.54
C HIS B 271 -9.00 -11.26 -29.20
N THR B 272 -8.34 -11.68 -28.11
CA THR B 272 -8.81 -11.37 -26.78
C THR B 272 -8.20 -10.07 -26.27
N MET B 273 -6.85 -10.00 -26.30
CA MET B 273 -6.08 -8.91 -25.68
C MET B 273 -5.59 -7.80 -26.60
N ASN B 274 -5.41 -8.12 -27.89
CA ASN B 274 -4.84 -7.17 -28.87
C ASN B 274 -3.49 -6.58 -28.38
N PRO B 275 -2.53 -7.46 -27.99
CA PRO B 275 -1.23 -7.01 -27.49
C PRO B 275 -0.40 -6.40 -28.59
N SER B 276 0.55 -5.53 -28.22
CA SER B 276 1.44 -4.90 -29.18
C SER B 276 2.63 -5.79 -29.53
N LEU B 277 2.86 -6.82 -28.71
CA LEU B 277 4.01 -7.69 -28.85
C LEU B 277 3.71 -9.04 -28.22
N VAL B 278 4.23 -10.10 -28.83
CA VAL B 278 4.15 -11.44 -28.29
C VAL B 278 5.54 -12.03 -28.22
N ILE B 279 5.98 -12.34 -27.02
CA ILE B 279 7.30 -12.89 -26.79
C ILE B 279 7.18 -14.38 -26.60
N LEU B 280 7.88 -15.13 -27.45
CA LEU B 280 7.95 -16.57 -27.32
C LEU B 280 9.20 -16.87 -26.57
N SER B 281 9.07 -17.63 -25.48
CA SER B 281 10.20 -17.93 -24.62
C SER B 281 10.34 -19.43 -24.36
N GLY B 282 11.56 -19.94 -24.45
CA GLY B 282 11.82 -21.34 -24.13
C GLY B 282 12.59 -22.10 -25.20
N VAL B 283 12.99 -23.32 -24.83
CA VAL B 283 13.78 -24.19 -25.71
C VAL B 283 13.17 -24.34 -27.11
N LEU B 284 11.85 -24.24 -27.24
CA LEU B 284 11.18 -24.40 -28.54
C LEU B 284 10.76 -23.10 -29.23
N ALA B 285 11.07 -21.96 -28.63
CA ALA B 285 10.67 -20.67 -29.21
C ALA B 285 11.32 -20.46 -30.58
N SER B 286 12.65 -20.56 -30.63
CA SER B 286 13.42 -20.43 -31.88
C SER B 286 12.79 -21.24 -32.98
N HIS B 287 12.31 -22.42 -32.62
CA HIS B 287 11.68 -23.29 -33.58
C HIS B 287 10.33 -22.78 -34.10
N TYR B 288 9.42 -22.47 -33.18
CA TYR B 288 8.01 -22.16 -33.51
C TYR B 288 7.73 -20.80 -34.12
N ILE B 289 8.67 -19.86 -33.96
CA ILE B 289 8.37 -18.49 -34.35
C ILE B 289 7.94 -18.32 -35.82
N HIS B 290 8.56 -19.03 -36.75
CA HIS B 290 8.19 -18.83 -38.17
C HIS B 290 6.75 -19.23 -38.44
N ILE B 291 6.36 -20.42 -37.99
CA ILE B 291 4.99 -20.89 -38.26
C ILE B 291 3.96 -20.04 -37.51
N VAL B 292 4.29 -19.63 -36.29
CA VAL B 292 3.38 -18.77 -35.51
C VAL B 292 3.13 -17.48 -36.29
N LYS B 293 4.19 -16.87 -36.78
CA LYS B 293 4.08 -15.69 -37.65
C LYS B 293 3.21 -15.95 -38.89
N ASP B 294 3.28 -17.16 -39.44
CA ASP B 294 2.46 -17.51 -40.60
C ASP B 294 0.97 -17.71 -40.26
N VAL B 295 0.64 -18.48 -39.22
CA VAL B 295 -0.78 -18.67 -38.84
C VAL B 295 -1.47 -17.31 -38.61
N ILE B 296 -0.77 -16.40 -37.93
CA ILE B 296 -1.24 -15.04 -37.71
C ILE B 296 -1.44 -14.34 -39.06
N ARG B 297 -0.39 -14.37 -39.89
CA ARG B 297 -0.44 -13.77 -41.24
C ARG B 297 -1.65 -14.33 -42.00
N GLN B 298 -1.80 -15.66 -41.96
CA GLN B 298 -2.86 -16.33 -42.70
C GLN B 298 -4.26 -16.30 -42.05
N GLN B 299 -4.37 -16.02 -40.73
CA GLN B 299 -5.70 -16.16 -40.05
C GLN B 299 -6.16 -15.08 -39.08
N ALA B 300 -5.24 -14.32 -38.49
CA ALA B 300 -5.64 -13.24 -37.57
C ALA B 300 -6.32 -12.14 -38.37
N LEU B 301 -7.15 -11.35 -37.69
CA LEU B 301 -7.80 -10.21 -38.33
C LEU B 301 -6.76 -9.21 -38.80
N SER B 302 -7.11 -8.48 -39.87
CA SER B 302 -6.30 -7.36 -40.35
C SER B 302 -5.95 -6.44 -39.16
N SER B 303 -6.96 -6.14 -38.33
CA SER B 303 -6.83 -5.25 -37.18
C SER B 303 -5.60 -5.55 -36.31
N VAL B 304 -5.35 -6.83 -36.06
CA VAL B 304 -4.28 -7.26 -35.14
C VAL B 304 -2.97 -7.71 -35.84
N GLN B 305 -2.84 -7.50 -37.15
CA GLN B 305 -1.64 -7.91 -37.90
C GLN B 305 -0.39 -7.09 -37.55
N ASP B 306 -0.59 -5.91 -36.96
CA ASP B 306 0.52 -5.02 -36.56
C ASP B 306 1.32 -5.58 -35.40
N VAL B 307 0.77 -6.61 -34.73
CA VAL B 307 1.46 -7.28 -33.66
C VAL B 307 2.85 -7.72 -34.12
N ASP B 308 3.80 -7.68 -33.19
CA ASP B 308 5.15 -8.13 -33.42
C ASP B 308 5.32 -9.38 -32.63
N VAL B 309 5.81 -10.44 -33.27
CA VAL B 309 6.15 -11.65 -32.55
C VAL B 309 7.67 -11.71 -32.51
N VAL B 310 8.20 -12.07 -31.35
CA VAL B 310 9.65 -12.14 -31.14
C VAL B 310 9.99 -13.30 -30.23
N VAL B 311 11.25 -13.71 -30.30
CA VAL B 311 11.81 -14.73 -29.43
C VAL B 311 12.56 -14.01 -28.29
N SER B 312 12.54 -14.58 -27.09
CA SER B 312 13.15 -13.98 -25.90
C SER B 312 14.67 -13.96 -25.98
N ASP B 313 15.28 -12.98 -25.32
CA ASP B 313 16.76 -12.84 -25.18
C ASP B 313 17.27 -13.36 -23.84
N LEU B 314 16.39 -13.31 -22.84
CA LEU B 314 16.79 -13.50 -21.46
C LEU B 314 17.29 -14.91 -21.16
N VAL B 315 18.26 -14.99 -20.26
CA VAL B 315 18.78 -16.25 -19.73
C VAL B 315 18.39 -16.33 -18.25
N ASP B 316 17.78 -17.46 -17.86
CA ASP B 316 17.20 -17.65 -16.52
C ASP B 316 16.12 -16.59 -16.26
N PRO B 317 15.14 -16.50 -17.17
CA PRO B 317 14.09 -15.51 -17.01
C PRO B 317 13.26 -15.77 -15.75
N ALA B 318 13.16 -17.04 -15.36
CA ALA B 318 12.45 -17.40 -14.13
C ALA B 318 13.03 -16.64 -12.95
N LEU B 319 14.35 -16.73 -12.81
CA LEU B 319 15.04 -16.06 -11.73
C LEU B 319 14.99 -14.54 -11.87
N LEU B 320 15.13 -14.05 -13.10
CA LEU B 320 15.07 -12.60 -13.35
C LEU B 320 13.73 -12.04 -12.96
N GLY B 321 12.66 -12.72 -13.37
CA GLY B 321 11.31 -12.33 -13.04
C GLY B 321 11.02 -12.31 -11.54
N ALA B 322 11.53 -13.33 -10.84
CA ALA B 322 11.36 -13.41 -9.38
C ALA B 322 12.01 -12.20 -8.77
N ALA B 323 13.31 -12.04 -9.02
CA ALA B 323 14.07 -10.90 -8.53
C ALA B 323 13.37 -9.59 -8.81
N SER B 324 12.73 -9.48 -9.98
CA SER B 324 12.10 -8.24 -10.39
C SER B 324 10.97 -7.82 -9.47
N MET B 325 10.34 -8.77 -8.80
CA MET B 325 9.27 -8.45 -7.84
C MET B 325 9.85 -7.70 -6.66
N VAL B 326 10.97 -8.19 -6.14
CA VAL B 326 11.64 -7.55 -5.00
C VAL B 326 12.10 -6.16 -5.41
N LEU B 327 12.68 -6.06 -6.61
CA LEU B 327 13.21 -4.80 -7.13
C LEU B 327 12.11 -3.83 -7.54
N ASP B 328 10.94 -4.35 -7.93
CA ASP B 328 9.83 -3.47 -8.31
C ASP B 328 9.08 -2.90 -7.10
N TYR B 329 9.33 -3.41 -5.90
CA TYR B 329 8.77 -2.82 -4.68
C TYR B 329 9.91 -2.18 -3.85
N THR B 330 11.08 -2.04 -4.46
CA THR B 330 12.30 -1.48 -3.83
C THR B 330 12.52 -1.97 -2.40
N THR C 19 -5.24 13.03 22.64
CA THR C 19 -5.56 13.51 21.28
C THR C 19 -4.52 13.00 20.24
N LEU C 20 -5.05 12.45 19.14
CA LEU C 20 -4.28 11.84 18.04
C LEU C 20 -2.86 12.44 17.83
N SER C 21 -1.82 11.59 17.91
CA SER C 21 -0.42 12.07 17.81
C SER C 21 0.57 10.99 17.31
N ALA C 22 1.86 11.37 17.22
CA ALA C 22 2.93 10.48 16.73
C ALA C 22 4.23 10.69 17.49
N LEU C 23 5.12 9.70 17.45
CA LEU C 23 6.45 9.77 18.10
C LEU C 23 7.50 10.15 17.07
N ALA C 24 8.16 11.28 17.30
CA ALA C 24 9.23 11.72 16.41
C ALA C 24 10.58 11.48 17.08
N VAL C 25 11.54 10.96 16.32
CA VAL C 25 12.88 10.66 16.80
C VAL C 25 13.89 11.39 15.93
N ASP C 26 14.84 12.08 16.55
CA ASP C 26 15.81 12.88 15.80
C ASP C 26 17.26 12.51 16.13
N LEU C 27 17.98 11.98 15.13
CA LEU C 27 19.41 11.69 15.26
C LEU C 27 20.18 12.81 14.55
N GLY C 28 20.91 13.62 15.32
CA GLY C 28 21.65 14.78 14.75
C GLY C 28 23.16 14.68 14.90
N THR C 30 25.38 16.78 18.05
CA THR C 30 25.80 16.39 19.40
C THR C 30 24.63 15.85 20.26
N ASN C 31 23.39 16.11 19.84
CA ASN C 31 22.20 15.72 20.62
C ASN C 31 21.38 14.56 20.02
N LEU C 32 20.66 13.88 20.91
CA LEU C 32 19.75 12.81 20.54
C LEU C 32 18.38 13.20 21.12
N ARG C 33 17.34 13.27 20.28
CA ARG C 33 16.02 13.78 20.74
C ARG C 33 14.80 12.99 20.31
N VAL C 34 13.87 12.82 21.25
CA VAL C 34 12.59 12.17 21.02
C VAL C 34 11.48 13.13 21.44
N ALA C 35 10.35 13.08 20.74
CA ALA C 35 9.23 13.95 21.06
C ALA C 35 7.90 13.33 20.70
N ILE C 36 6.86 13.85 21.33
CA ILE C 36 5.47 13.53 21.00
C ILE C 36 4.87 14.75 20.32
N VAL C 37 4.62 14.63 19.02
CA VAL C 37 4.08 15.72 18.22
C VAL C 37 2.57 15.51 17.95
N SER C 38 1.77 16.54 18.24
CA SER C 38 0.32 16.52 18.02
C SER C 38 0.01 16.37 16.55
N MET C 39 -1.18 15.88 16.26
CA MET C 39 -1.63 15.77 14.88
C MET C 39 -1.56 17.14 14.17
N LYS C 40 -1.85 18.20 14.91
CA LYS C 40 -1.82 19.57 14.37
C LYS C 40 -0.40 20.10 14.29
N GLY C 41 0.53 19.44 14.97
CA GLY C 41 1.94 19.83 14.91
C GLY C 41 2.52 20.41 16.19
N GLU C 42 1.74 20.44 17.26
CA GLU C 42 2.22 20.91 18.56
C GLU C 42 3.16 19.83 19.13
N ILE C 43 4.31 20.23 19.66
CA ILE C 43 5.23 19.28 20.32
C ILE C 43 4.79 19.08 21.78
N VAL C 44 3.95 18.06 22.00
CA VAL C 44 3.41 17.76 23.33
C VAL C 44 4.53 17.70 24.37
N LYS C 45 5.41 16.71 24.26
CA LYS C 45 6.58 16.58 25.14
C LYS C 45 7.83 16.43 24.26
N LYS C 46 8.97 16.82 24.80
CA LYS C 46 10.26 16.74 24.07
C LYS C 46 11.34 16.24 25.00
N TYR C 47 12.17 15.33 24.50
CA TYR C 47 13.22 14.71 25.29
C TYR C 47 14.57 14.92 24.62
N THR C 48 15.64 14.91 25.42
CA THR C 48 16.98 15.16 24.91
C THR C 48 18.05 14.46 25.73
N GLN C 49 18.93 13.75 25.05
CA GLN C 49 20.08 13.12 25.70
C GLN C 49 21.31 13.31 24.82
N PHE C 50 22.48 13.04 25.40
CA PHE C 50 23.73 13.12 24.65
C PHE C 50 23.78 11.95 23.68
N ASN C 51 24.00 12.23 22.40
CA ASN C 51 24.09 11.17 21.39
C ASN C 51 25.35 10.32 21.59
N PRO C 52 25.19 9.03 22.02
CA PRO C 52 26.34 8.16 22.30
C PRO C 52 27.34 7.99 21.14
N LYS C 53 28.50 7.41 21.46
CA LYS C 53 29.60 7.22 20.49
C LYS C 53 29.39 6.00 19.57
N THR C 54 28.70 4.97 20.06
CA THR C 54 28.50 3.72 19.29
C THR C 54 27.04 3.28 19.20
N TYR C 55 26.70 2.61 18.08
CA TYR C 55 25.36 2.06 17.85
C TYR C 55 25.00 0.97 18.86
N GLU C 56 26.00 0.30 19.40
CA GLU C 56 25.78 -0.66 20.49
C GLU C 56 24.98 0.03 21.60
N GLU C 57 25.47 1.22 21.99
CA GLU C 57 24.83 2.03 23.03
C GLU C 57 23.62 2.80 22.51
N ARG C 58 23.73 3.34 21.30
CA ARG C 58 22.73 4.27 20.77
C ARG C 58 21.34 3.66 20.57
N ILE C 59 21.26 2.52 19.88
CA ILE C 59 19.99 1.86 19.61
C ILE C 59 19.19 1.52 20.89
N ASN C 60 19.91 1.28 21.99
CA ASN C 60 19.28 1.04 23.30
C ASN C 60 18.65 2.31 23.87
N LEU C 61 19.45 3.36 24.00
CA LEU C 61 18.98 4.64 24.55
C LEU C 61 17.68 5.09 23.90
N ILE C 62 17.64 5.05 22.56
CA ILE C 62 16.45 5.45 21.81
C ILE C 62 15.23 4.72 22.33
N LEU C 63 15.30 3.39 22.35
CA LEU C 63 14.21 2.57 22.87
C LEU C 63 13.77 3.01 24.27
N GLN C 64 14.74 3.27 25.15
CA GLN C 64 14.43 3.71 26.51
C GLN C 64 13.62 5.01 26.48
N MET C 65 14.04 5.96 25.65
CA MET C 65 13.33 7.23 25.50
C MET C 65 11.95 7.04 24.91
N CYS C 66 11.81 6.06 24.02
CA CYS C 66 10.55 5.79 23.36
C CYS C 66 9.54 5.19 24.32
N VAL C 67 9.94 4.11 24.99
CA VAL C 67 9.09 3.50 26.01
C VAL C 67 8.70 4.56 27.04
N GLU C 68 9.66 5.44 27.36
CA GLU C 68 9.41 6.56 28.28
C GLU C 68 8.33 7.47 27.71
N ALA C 69 8.57 7.98 26.51
CA ALA C 69 7.62 8.88 25.84
C ALA C 69 6.31 8.18 25.47
N ALA C 70 6.38 6.86 25.25
CA ALA C 70 5.21 6.06 24.89
C ALA C 70 4.28 5.87 26.08
N ALA C 71 4.84 5.53 27.24
CA ALA C 71 4.05 5.36 28.47
C ALA C 71 3.51 6.72 28.92
N GLU C 72 4.35 7.74 28.82
CA GLU C 72 3.97 9.13 29.11
C GLU C 72 2.78 9.54 28.23
N ALA C 73 2.91 9.26 26.93
CA ALA C 73 1.86 9.56 25.95
C ALA C 73 0.46 9.22 26.47
N VAL C 74 0.34 8.05 27.11
CA VAL C 74 -0.93 7.62 27.71
C VAL C 74 -1.30 8.51 28.90
N LYS C 75 -0.32 8.79 29.77
CA LYS C 75 -0.52 9.69 30.92
C LYS C 75 -0.83 11.14 30.46
N LEU C 76 -0.53 11.46 29.20
CA LEU C 76 -0.90 12.74 28.59
C LEU C 76 -2.14 12.59 27.68
N ASN C 77 -2.84 11.46 27.81
CA ASN C 77 -4.02 11.15 26.98
C ASN C 77 -3.80 11.43 25.49
N CYS C 78 -2.93 10.63 24.85
CA CYS C 78 -2.56 10.80 23.42
C CYS C 78 -2.33 9.50 22.67
N ARG C 79 -3.17 9.25 21.65
CA ARG C 79 -3.08 8.04 20.85
C ARG C 79 -1.96 8.19 19.86
N ILE C 80 -0.89 7.40 20.05
CA ILE C 80 0.29 7.45 19.19
C ILE C 80 0.18 6.46 18.03
N LEU C 81 0.05 7.00 16.81
CA LEU C 81 -0.14 6.18 15.63
C LEU C 81 1.12 5.44 15.18
N GLY C 82 2.30 6.01 15.43
CA GLY C 82 3.55 5.39 14.98
C GLY C 82 4.83 6.10 15.38
N VAL C 83 5.94 5.69 14.76
CA VAL C 83 7.25 6.26 15.03
C VAL C 83 7.86 6.80 13.75
N GLY C 84 8.39 8.02 13.81
CA GLY C 84 9.09 8.63 12.68
C GLY C 84 10.51 8.89 13.12
N ILE C 85 11.47 8.79 12.19
CA ILE C 85 12.90 8.90 12.53
C ILE C 85 13.69 9.64 11.48
N SER C 86 14.15 10.85 11.83
CA SER C 86 15.06 11.62 10.96
C SER C 86 16.48 11.19 11.26
N THR C 87 17.38 11.39 10.30
CA THR C 87 18.82 11.03 10.47
C THR C 87 19.72 12.01 9.69
N ASP C 112 19.38 -1.15 10.73
CA ASP C 112 18.46 -2.22 11.17
C ASP C 112 17.56 -1.73 12.30
N LEU C 113 17.27 -0.42 12.29
CA LEU C 113 16.61 0.24 13.41
C LEU C 113 15.10 0.01 13.49
N ARG C 114 14.46 -0.17 12.34
CA ARG C 114 13.02 -0.42 12.33
C ARG C 114 12.69 -1.67 13.16
N THR C 115 13.42 -2.76 12.90
CA THR C 115 13.15 -4.07 13.56
C THR C 115 12.88 -3.99 15.08
N PRO C 116 13.88 -3.52 15.88
CA PRO C 116 13.74 -3.50 17.35
C PRO C 116 12.66 -2.55 17.88
N LEU C 117 12.61 -1.34 17.34
CA LEU C 117 11.59 -0.36 17.74
C LEU C 117 10.21 -0.88 17.45
N SER C 118 9.99 -1.30 16.21
CA SER C 118 8.70 -1.83 15.76
C SER C 118 8.15 -2.91 16.69
N ASP C 119 9.04 -3.75 17.23
CA ASP C 119 8.62 -4.90 18.05
C ASP C 119 8.56 -4.61 19.57
N THR C 120 9.35 -3.64 20.04
CA THR C 120 9.30 -3.23 21.45
C THR C 120 8.01 -2.47 21.70
N LEU C 121 7.81 -1.40 20.92
CA LEU C 121 6.65 -0.53 21.07
C LEU C 121 5.39 -1.04 20.36
N HIS C 122 5.56 -2.09 19.53
CA HIS C 122 4.46 -2.68 18.76
C HIS C 122 3.76 -1.61 17.94
N LEU C 123 4.57 -0.73 17.34
CA LEU C 123 4.10 0.35 16.48
C LEU C 123 4.78 0.18 15.11
N PRO C 124 4.33 0.94 14.11
CA PRO C 124 5.03 1.00 12.83
C PRO C 124 6.12 2.08 12.83
N VAL C 125 7.23 1.80 12.18
CA VAL C 125 8.36 2.71 12.15
C VAL C 125 8.63 3.19 10.74
N TRP C 126 8.83 4.51 10.62
CA TRP C 126 9.19 5.15 9.38
C TRP C 126 10.55 5.81 9.57
N VAL C 127 11.29 5.97 8.47
CA VAL C 127 12.65 6.52 8.53
C VAL C 127 12.98 7.26 7.25
N ASP C 128 13.79 8.31 7.37
CA ASP C 128 14.25 9.07 6.22
C ASP C 128 15.37 10.00 6.69
N ASN C 129 16.10 10.57 5.75
CA ASN C 129 17.21 11.42 6.12
C ASN C 129 16.73 12.84 6.53
N ASP C 130 17.57 13.52 7.29
CA ASP C 130 17.27 14.87 7.79
C ASP C 130 16.68 15.80 6.72
N GLY C 131 17.35 15.89 5.58
CA GLY C 131 16.93 16.79 4.51
C GLY C 131 15.50 16.54 4.07
N ASN C 132 15.17 15.27 3.87
CA ASN C 132 13.82 14.92 3.46
C ASN C 132 12.80 15.33 4.52
N CYS C 133 13.09 15.08 5.79
CA CYS C 133 12.18 15.44 6.89
C CYS C 133 12.02 16.95 7.01
N ALA C 134 13.05 17.70 6.66
CA ALA C 134 12.96 19.16 6.62
C ALA C 134 11.87 19.59 5.62
N ALA C 135 11.90 18.98 4.44
CA ALA C 135 10.90 19.25 3.41
C ALA C 135 9.50 18.81 3.85
N LEU C 136 9.40 17.58 4.38
CA LEU C 136 8.13 17.05 4.87
C LEU C 136 7.53 17.94 5.97
N ALA C 137 8.39 18.45 6.83
CA ALA C 137 7.96 19.34 7.88
C ALA C 137 7.30 20.60 7.28
N GLU C 138 7.94 21.19 6.27
CA GLU C 138 7.40 22.40 5.64
C GLU C 138 6.12 22.09 4.92
N ARG C 139 6.07 20.95 4.25
CA ARG C 139 4.87 20.58 3.51
C ARG C 139 3.66 20.46 4.45
N LYS C 140 3.78 19.69 5.53
CA LYS C 140 2.64 19.45 6.40
C LYS C 140 2.33 20.63 7.33
N PHE C 141 3.37 21.26 7.87
CA PHE C 141 3.20 22.34 8.87
C PHE C 141 3.75 23.69 8.49
N GLY C 142 4.77 23.73 7.61
CA GLY C 142 5.44 24.99 7.29
C GLY C 142 4.91 25.69 6.05
N GLN C 143 5.85 26.26 5.28
CA GLN C 143 5.51 27.10 4.12
C GLN C 143 5.32 26.34 2.83
N GLY C 144 5.38 25.01 2.91
CA GLY C 144 5.15 24.13 1.77
C GLY C 144 3.69 23.75 1.63
N LYS C 145 2.93 23.83 2.73
CA LYS C 145 1.50 23.55 2.72
C LYS C 145 0.86 23.87 1.34
N GLY C 146 0.33 22.83 0.69
CA GLY C 146 -0.41 23.00 -0.58
C GLY C 146 0.37 23.03 -1.89
N LEU C 147 1.68 23.26 -1.80
CA LEU C 147 2.52 23.40 -2.98
C LEU C 147 2.90 22.06 -3.62
N GLU C 148 2.72 21.95 -4.95
CA GLU C 148 3.14 20.77 -5.75
C GLU C 148 4.64 20.61 -5.76
N ASN C 149 5.34 21.63 -6.23
CA ASN C 149 6.77 21.58 -6.51
C ASN C 149 7.53 22.62 -5.66
N PHE C 150 8.26 22.18 -4.64
CA PHE C 150 9.09 23.11 -3.85
C PHE C 150 10.33 22.42 -3.25
N VAL C 151 11.31 23.25 -2.89
CA VAL C 151 12.60 22.76 -2.41
C VAL C 151 12.94 23.35 -1.04
N THR C 152 13.55 22.54 -0.18
CA THR C 152 13.92 22.96 1.16
C THR C 152 15.38 22.66 1.33
N LEU C 153 16.14 23.69 1.70
CA LEU C 153 17.58 23.62 1.77
C LEU C 153 18.03 23.88 3.20
N ILE C 154 18.68 22.88 3.80
CA ILE C 154 19.16 23.00 5.16
C ILE C 154 20.49 23.72 5.13
N THR C 155 20.54 24.89 5.73
CA THR C 155 21.75 25.65 5.80
C THR C 155 22.20 25.78 7.29
N GLY C 156 23.07 24.86 7.71
CA GLY C 156 23.64 24.88 9.05
C GLY C 156 25.04 24.33 9.01
N THR C 157 25.37 23.45 9.96
CA THR C 157 26.73 22.85 10.00
C THR C 157 27.06 22.19 8.68
N GLY C 158 26.05 21.58 8.08
CA GLY C 158 26.16 21.01 6.77
C GLY C 158 25.03 21.58 5.95
N ILE C 159 25.19 21.46 4.64
CA ILE C 159 24.14 21.84 3.71
C ILE C 159 23.55 20.58 3.10
N GLY C 160 22.25 20.61 2.89
CA GLY C 160 21.52 19.45 2.40
C GLY C 160 20.07 19.84 2.22
N GLY C 161 19.23 18.89 1.86
CA GLY C 161 17.82 19.22 1.65
C GLY C 161 16.92 18.14 1.12
N GLY C 162 15.77 18.58 0.63
CA GLY C 162 14.79 17.68 0.05
C GLY C 162 13.99 18.42 -0.99
N ILE C 163 13.42 17.66 -1.93
CA ILE C 163 12.67 18.20 -3.05
C ILE C 163 11.31 17.58 -3.05
N ILE C 164 10.28 18.41 -3.14
CA ILE C 164 8.94 17.94 -3.28
C ILE C 164 8.61 18.25 -4.70
N HIS C 165 8.08 17.25 -5.39
CA HIS C 165 7.57 17.41 -6.74
C HIS C 165 6.24 16.68 -6.85
N GLN C 166 5.25 17.32 -7.44
CA GLN C 166 3.90 16.77 -7.44
C GLN C 166 3.53 16.31 -6.00
N HIS C 167 3.74 17.20 -5.02
CA HIS C 167 3.36 16.99 -3.61
C HIS C 167 4.07 15.84 -2.90
N GLU C 168 5.05 15.22 -3.55
CA GLU C 168 5.73 14.08 -2.96
C GLU C 168 7.24 14.24 -3.05
N LEU C 169 7.97 13.59 -2.13
CA LEU C 169 9.43 13.65 -2.15
C LEU C 169 9.98 12.91 -3.34
N ILE C 170 11.14 13.37 -3.81
CA ILE C 170 11.91 12.66 -4.80
C ILE C 170 12.98 11.90 -4.02
N HIS C 171 12.96 10.58 -4.07
CA HIS C 171 13.95 9.77 -3.34
C HIS C 171 15.17 9.38 -4.17
N GLY C 172 15.00 9.23 -5.49
CA GLY C 172 16.09 8.87 -6.39
C GLY C 172 16.09 7.40 -6.78
N SER C 173 16.76 7.07 -7.88
CA SER C 173 16.86 5.71 -8.39
C SER C 173 17.60 4.84 -7.39
N SER C 174 18.62 5.41 -6.77
CA SER C 174 19.43 4.75 -5.73
C SER C 174 19.17 5.31 -4.32
N PHE C 175 17.98 5.87 -4.08
CA PHE C 175 17.63 6.51 -2.79
C PHE C 175 18.53 7.68 -2.37
N CYS C 176 18.97 8.50 -3.33
CA CYS C 176 19.93 9.58 -3.05
C CYS C 176 19.64 10.87 -3.77
N ALA C 177 18.38 11.10 -4.12
CA ALA C 177 18.03 12.35 -4.74
C ALA C 177 18.29 13.45 -3.72
N ALA C 178 18.25 14.68 -4.17
CA ALA C 178 18.38 15.84 -3.28
C ALA C 178 19.63 15.84 -2.34
N GLU C 179 20.77 15.28 -2.81
CA GLU C 179 22.09 15.43 -2.15
C GLU C 179 22.59 16.84 -2.44
N LEU C 180 21.79 17.81 -2.05
CA LEU C 180 21.99 19.18 -2.46
C LEU C 180 23.23 19.85 -1.93
N GLY C 181 23.81 19.37 -0.84
CA GLY C 181 25.02 19.99 -0.31
C GLY C 181 26.19 19.86 -1.27
N HIS C 182 26.15 18.86 -2.14
CA HIS C 182 27.25 18.59 -3.07
C HIS C 182 26.96 19.02 -4.52
N LEU C 183 26.09 19.99 -4.68
CA LEU C 183 25.97 20.69 -5.94
C LEU C 183 27.27 21.44 -6.12
N VAL C 184 27.87 21.33 -7.31
CA VAL C 184 29.18 21.95 -7.64
C VAL C 184 29.06 23.28 -8.39
N VAL C 185 29.83 24.28 -7.95
CA VAL C 185 29.72 25.62 -8.53
C VAL C 185 31.11 26.18 -8.91
N SER C 186 32.04 25.30 -9.18
CA SER C 186 33.38 25.71 -9.50
C SER C 186 34.13 24.54 -10.08
N LEU C 187 35.00 24.81 -11.05
CA LEU C 187 35.84 23.76 -11.63
C LEU C 187 37.03 23.48 -10.73
N ASP C 188 37.25 24.32 -9.72
CA ASP C 188 38.44 24.26 -8.89
C ASP C 188 38.20 24.86 -7.52
N GLY C 189 37.14 24.47 -6.85
CA GLY C 189 36.84 25.12 -5.56
C GLY C 189 37.66 24.64 -4.36
N PRO C 190 37.17 24.94 -3.15
CA PRO C 190 37.66 24.35 -1.93
C PRO C 190 37.42 22.84 -1.89
N ASP C 191 38.30 22.11 -1.19
CA ASP C 191 38.12 20.69 -0.98
C ASP C 191 36.88 20.43 -0.15
N CYS C 192 36.02 19.56 -0.65
CA CYS C 192 34.87 19.14 0.09
C CYS C 192 35.23 17.87 0.85
N SER C 193 34.47 17.61 1.91
CA SER C 193 34.68 16.44 2.75
C SER C 193 34.15 15.15 2.13
N CYS C 194 33.43 15.26 1.02
CA CYS C 194 32.96 14.10 0.30
C CYS C 194 34.03 13.57 -0.63
N GLY C 195 35.18 14.26 -0.68
CA GLY C 195 36.31 13.85 -1.53
C GLY C 195 36.55 14.73 -2.75
N SER C 196 35.53 15.41 -3.22
CA SER C 196 35.63 16.26 -4.37
C SER C 196 35.92 17.68 -3.90
N HIS C 197 35.71 18.65 -4.78
CA HIS C 197 35.95 20.05 -4.46
C HIS C 197 35.00 20.92 -5.27
N GLY C 198 34.61 22.05 -4.70
CA GLY C 198 33.70 22.99 -5.39
C GLY C 198 32.27 22.93 -4.90
N CYS C 199 31.94 21.87 -4.16
CA CYS C 199 30.60 21.68 -3.60
C CYS C 199 30.15 22.88 -2.81
N ILE C 200 28.86 23.25 -2.92
CA ILE C 200 28.37 24.36 -2.11
C ILE C 200 28.57 24.12 -0.60
N GLU C 201 28.56 22.86 -0.19
CA GLU C 201 28.85 22.55 1.21
C GLU C 201 30.26 22.99 1.57
N ALA C 202 31.19 22.81 0.63
CA ALA C 202 32.60 23.16 0.85
C ALA C 202 32.81 24.67 0.99
N TYR C 203 31.85 25.46 0.52
CA TYR C 203 31.91 26.91 0.64
C TYR C 203 31.11 27.42 1.80
N ALA C 204 29.81 27.07 1.83
CA ALA C 204 28.82 27.78 2.64
C ALA C 204 28.38 27.14 3.94
N SER C 205 28.85 25.92 4.23
CA SER C 205 28.40 25.23 5.43
C SER C 205 29.08 25.79 6.68
N GLY C 206 28.43 25.55 7.83
CA GLY C 206 28.98 25.94 9.14
C GLY C 206 30.37 25.40 9.39
N MET C 207 30.62 24.15 8.98
CA MET C 207 31.97 23.57 9.10
C MET C 207 32.95 24.32 8.21
N ALA C 208 32.55 24.56 6.97
CA ALA C 208 33.38 25.29 6.02
C ALA C 208 33.79 26.61 6.62
N LEU C 209 32.79 27.38 7.07
CA LEU C 209 33.02 28.69 7.66
C LEU C 209 33.91 28.63 8.92
N GLN C 210 33.80 27.53 9.67
CA GLN C 210 34.71 27.31 10.82
C GLN C 210 36.14 27.11 10.33
N ARG C 211 36.33 26.28 9.31
CA ARG C 211 37.63 26.09 8.67
C ARG C 211 38.27 27.45 8.32
N GLU C 212 37.44 28.36 7.81
CA GLU C 212 37.90 29.70 7.42
C GLU C 212 38.16 30.62 8.62
N ALA C 213 37.34 30.49 9.65
CA ALA C 213 37.53 31.25 10.88
C ALA C 213 38.87 30.90 11.53
N LYS C 214 39.15 29.59 11.65
CA LYS C 214 40.43 29.11 12.26
C LYS C 214 41.63 29.46 11.38
N LYS C 215 41.49 29.29 10.07
CA LYS C 215 42.57 29.64 9.12
C LYS C 215 43.02 31.08 9.35
N LEU C 216 42.05 32.01 9.44
CA LEU C 216 42.32 33.43 9.75
C LEU C 216 42.89 33.58 11.16
N HIS C 217 42.16 33.07 12.13
CA HIS C 217 42.51 33.17 13.56
C HIS C 217 43.88 32.58 13.92
N ASP C 218 44.32 31.59 13.14
CA ASP C 218 45.66 30.99 13.28
C ASP C 218 46.76 31.99 12.94
N GLU C 219 46.43 33.00 12.15
CA GLU C 219 47.38 34.06 11.84
C GLU C 219 46.90 35.42 12.36
N ASP C 220 46.07 35.37 13.40
CA ASP C 220 45.60 36.56 14.12
C ASP C 220 44.86 37.56 13.21
N LEU C 221 44.21 37.05 12.16
CA LEU C 221 43.50 37.88 11.17
C LEU C 221 41.97 37.88 11.35
N LEU C 222 41.48 37.16 12.37
CA LEU C 222 40.04 37.05 12.61
C LEU C 222 39.58 38.08 13.65
N LEU C 223 40.28 38.15 14.78
CA LEU C 223 39.86 38.98 15.90
C LEU C 223 39.81 40.48 15.56
N VAL C 224 38.59 41.03 15.51
CA VAL C 224 38.33 42.45 15.18
C VAL C 224 37.84 43.21 16.42
N GLU C 225 38.30 44.46 16.59
CA GLU C 225 37.95 45.34 17.72
C GLU C 225 36.51 45.17 18.24
N GLY C 226 36.38 44.84 19.53
CA GLY C 226 35.07 44.60 20.15
C GLY C 226 34.71 43.11 20.23
N MET C 227 35.74 42.24 20.26
CA MET C 227 35.55 40.78 20.37
C MET C 227 36.49 40.19 21.42
N SER C 228 36.24 38.93 21.78
CA SER C 228 37.09 38.21 22.73
C SER C 228 36.78 36.72 22.66
N VAL C 229 37.83 35.91 22.47
CA VAL C 229 37.68 34.44 22.41
C VAL C 229 38.16 33.82 23.74
N PRO C 230 37.39 32.84 24.28
CA PRO C 230 37.72 32.26 25.59
C PRO C 230 38.79 31.15 25.52
N LYS C 231 38.94 30.38 26.60
CA LYS C 231 39.91 29.27 26.66
C LYS C 231 39.48 28.09 25.78
N GLU C 233 36.37 28.82 24.26
CA GLU C 233 35.78 28.27 23.04
C GLU C 233 36.79 28.20 21.90
N ALA C 234 36.38 27.53 20.83
CA ALA C 234 37.16 27.44 19.59
C ALA C 234 36.39 28.20 18.52
N VAL C 235 37.10 28.98 17.72
CA VAL C 235 36.46 29.83 16.70
C VAL C 235 35.59 29.00 15.78
N GLY C 236 34.46 29.55 15.37
CA GLY C 236 33.54 28.89 14.45
C GLY C 236 32.84 29.86 13.51
N ALA C 237 31.73 29.40 12.95
CA ALA C 237 30.96 30.18 11.99
C ALA C 237 30.62 31.56 12.53
N LEU C 238 29.92 31.60 13.65
CA LEU C 238 29.49 32.87 14.27
C LEU C 238 30.63 33.86 14.51
N HIS C 239 31.85 33.37 14.66
CA HIS C 239 33.01 34.25 14.83
C HIS C 239 33.37 34.92 13.52
N LEU C 240 33.33 34.16 12.42
CA LEU C 240 33.60 34.72 11.12
C LEU C 240 32.55 35.80 10.85
N ILE C 241 31.28 35.46 11.09
CA ILE C 241 30.18 36.40 10.86
C ILE C 241 30.28 37.62 11.78
N GLN C 242 30.63 37.38 13.05
CA GLN C 242 30.80 38.49 13.98
C GLN C 242 31.92 39.41 13.49
N ALA C 243 33.10 38.84 13.25
CA ALA C 243 34.21 39.62 12.73
C ALA C 243 33.75 40.41 11.50
N ALA C 244 32.96 39.77 10.62
CA ALA C 244 32.42 40.45 9.43
C ALA C 244 31.59 41.65 9.84
N LYS C 245 30.62 41.42 10.72
CA LYS C 245 29.78 42.46 11.23
C LYS C 245 30.61 43.58 11.84
N LEU C 246 31.58 43.24 12.70
CA LEU C 246 32.43 44.25 13.38
C LEU C 246 33.45 44.90 12.44
N GLY C 247 33.40 44.58 11.14
CA GLY C 247 34.20 45.29 10.12
C GLY C 247 35.42 44.57 9.57
N ASN C 248 35.49 43.26 9.74
CA ASN C 248 36.62 42.48 9.21
C ASN C 248 36.46 42.30 7.70
N ALA C 249 37.35 42.94 6.94
CA ALA C 249 37.31 42.91 5.48
C ALA C 249 37.42 41.50 4.93
N LYS C 250 38.33 40.71 5.48
CA LYS C 250 38.55 39.34 5.02
C LYS C 250 37.37 38.46 5.36
N ALA C 251 36.85 38.60 6.58
CA ALA C 251 35.68 37.83 6.99
C ALA C 251 34.59 38.08 5.98
N GLN C 252 34.35 39.36 5.72
CA GLN C 252 33.33 39.79 4.76
C GLN C 252 33.50 39.19 3.37
N SER C 253 34.73 39.16 2.89
CA SER C 253 35.02 38.58 1.59
C SER C 253 34.75 37.06 1.56
N ILE C 254 35.26 36.36 2.57
CA ILE C 254 35.02 34.94 2.70
C ILE C 254 33.52 34.67 2.70
N LEU C 255 32.78 35.39 3.54
CA LEU C 255 31.33 35.22 3.62
C LEU C 255 30.63 35.52 2.28
N ARG C 256 31.13 36.51 1.57
CA ARG C 256 30.55 36.91 0.29
C ARG C 256 30.64 35.80 -0.71
N THR C 257 31.84 35.23 -0.87
CA THR C 257 32.01 34.10 -1.79
C THR C 257 31.09 32.96 -1.39
N ALA C 258 31.11 32.59 -0.11
CA ALA C 258 30.27 31.51 0.44
C ALA C 258 28.84 31.67 0.02
N GLY C 259 28.29 32.86 0.29
CA GLY C 259 26.90 33.18 -0.05
C GLY C 259 26.63 33.04 -1.53
N THR C 260 27.50 33.61 -2.34
CA THR C 260 27.40 33.49 -3.79
C THR C 260 27.37 32.01 -4.23
N ALA C 261 28.35 31.25 -3.76
CA ALA C 261 28.43 29.84 -4.07
C ALA C 261 27.08 29.17 -3.79
N LEU C 262 26.54 29.40 -2.60
CA LEU C 262 25.23 28.87 -2.23
C LEU C 262 24.16 29.40 -3.20
N GLY C 263 24.17 30.72 -3.44
CA GLY C 263 23.26 31.32 -4.42
C GLY C 263 23.20 30.52 -5.72
N LEU C 264 24.39 30.27 -6.29
CA LEU C 264 24.50 29.48 -7.52
C LEU C 264 24.03 28.04 -7.33
N GLY C 265 24.27 27.48 -6.14
CA GLY C 265 23.69 26.17 -5.83
C GLY C 265 22.19 26.20 -6.10
N VAL C 266 21.52 27.17 -5.47
CA VAL C 266 20.06 27.32 -5.63
C VAL C 266 19.65 27.55 -7.11
N VAL C 267 20.47 28.34 -7.84
CA VAL C 267 20.21 28.59 -9.28
C VAL C 267 20.18 27.28 -10.06
N ASN C 268 21.14 26.39 -9.77
CA ASN C 268 21.12 25.07 -10.37
C ASN C 268 19.81 24.31 -10.07
N ILE C 269 19.34 24.43 -8.83
CA ILE C 269 18.08 23.80 -8.46
C ILE C 269 16.94 24.43 -9.23
N LEU C 270 16.97 25.76 -9.36
CA LEU C 270 15.91 26.46 -10.10
C LEU C 270 15.86 25.98 -11.54
N HIS C 271 17.02 25.87 -12.19
CA HIS C 271 17.07 25.47 -13.60
C HIS C 271 16.80 23.99 -13.87
N THR C 272 16.81 23.18 -12.81
CA THR C 272 16.46 21.76 -12.92
C THR C 272 14.99 21.55 -12.61
N MET C 273 14.56 22.03 -11.44
CA MET C 273 13.22 21.74 -10.94
C MET C 273 12.15 22.79 -11.24
N ASN C 274 12.55 24.05 -11.39
CA ASN C 274 11.60 25.17 -11.55
C ASN C 274 10.53 25.14 -10.44
N PRO C 275 10.97 25.15 -9.17
CA PRO C 275 10.04 25.12 -8.05
C PRO C 275 9.37 26.46 -7.83
N SER C 276 8.22 26.44 -7.16
CA SER C 276 7.48 27.68 -6.90
C SER C 276 7.99 28.41 -5.66
N LEU C 277 8.76 27.70 -4.82
CA LEU C 277 9.25 28.24 -3.54
C LEU C 277 10.50 27.51 -3.14
N VAL C 278 11.49 28.24 -2.63
CA VAL C 278 12.70 27.63 -2.06
C VAL C 278 12.76 28.04 -0.61
N ILE C 279 12.78 27.08 0.32
CA ILE C 279 12.83 27.38 1.76
C ILE C 279 14.20 27.08 2.35
N LEU C 280 14.86 28.13 2.84
CA LEU C 280 16.11 27.98 3.54
C LEU C 280 15.81 27.76 5.01
N SER C 281 16.45 26.75 5.57
CA SER C 281 16.19 26.30 6.93
C SER C 281 17.50 26.01 7.63
N GLY C 282 17.63 26.46 8.88
CA GLY C 282 18.85 26.22 9.63
C GLY C 282 19.45 27.49 10.20
N VAL C 283 20.42 27.30 11.09
CA VAL C 283 21.09 28.42 11.78
C VAL C 283 21.70 29.50 10.86
N LEU C 284 22.11 29.13 9.65
CA LEU C 284 22.71 30.11 8.74
C LEU C 284 21.72 30.65 7.65
N ALA C 285 20.44 30.26 7.73
CA ALA C 285 19.44 30.73 6.75
C ALA C 285 19.26 32.25 6.81
N SER C 286 19.03 32.80 8.01
CA SER C 286 18.90 34.28 8.21
C SER C 286 20.05 35.02 7.55
N HIS C 287 21.25 34.46 7.71
CA HIS C 287 22.45 35.05 7.16
C HIS C 287 22.52 35.00 5.64
N TYR C 288 22.16 33.86 5.07
CA TYR C 288 22.35 33.66 3.66
C TYR C 288 21.19 34.14 2.77
N ILE C 289 20.05 34.44 3.37
CA ILE C 289 18.86 34.66 2.56
C ILE C 289 18.98 35.81 1.58
N HIS C 290 19.57 36.92 2.02
CA HIS C 290 19.68 38.06 1.11
C HIS C 290 20.67 37.80 -0.03
N ILE C 291 21.89 37.35 0.28
CA ILE C 291 22.86 37.08 -0.79
C ILE C 291 22.31 36.03 -1.78
N VAL C 292 21.67 34.98 -1.26
CA VAL C 292 21.08 33.95 -2.12
C VAL C 292 20.07 34.62 -3.04
N LYS C 293 19.12 35.34 -2.46
CA LYS C 293 18.11 36.04 -3.26
C LYS C 293 18.75 36.92 -4.32
N ASP C 294 19.79 37.65 -3.92
CA ASP C 294 20.48 38.58 -4.81
C ASP C 294 21.09 37.81 -6.00
N VAL C 295 21.76 36.70 -5.70
CA VAL C 295 22.41 35.89 -6.75
C VAL C 295 21.39 35.31 -7.73
N ILE C 296 20.24 34.92 -7.20
CA ILE C 296 19.15 34.39 -7.99
C ILE C 296 18.67 35.48 -8.94
N ARG C 297 18.41 36.67 -8.41
CA ARG C 297 17.86 37.75 -9.22
C ARG C 297 18.88 38.20 -10.27
N GLN C 298 20.16 38.18 -9.91
CA GLN C 298 21.22 38.56 -10.83
C GLN C 298 21.43 37.53 -11.97
N GLN C 299 21.41 36.24 -11.66
CA GLN C 299 21.89 35.21 -12.61
C GLN C 299 20.87 34.17 -13.14
N ALA C 300 19.81 33.91 -12.40
CA ALA C 300 18.79 32.95 -12.83
C ALA C 300 18.06 33.49 -14.04
N LEU C 301 17.47 32.59 -14.82
CA LEU C 301 16.76 32.98 -16.04
C LEU C 301 15.51 33.75 -15.68
N SER C 302 15.14 34.71 -16.52
CA SER C 302 13.89 35.46 -16.34
C SER C 302 12.78 34.44 -16.11
N SER C 303 12.76 33.38 -16.94
CA SER C 303 11.73 32.33 -16.91
C SER C 303 11.42 31.79 -15.51
N VAL C 304 12.41 31.81 -14.63
CA VAL C 304 12.34 31.13 -13.34
C VAL C 304 12.34 32.08 -12.11
N GLN C 305 12.28 33.39 -12.37
CA GLN C 305 12.28 34.42 -11.32
C GLN C 305 10.98 34.45 -10.48
N ASP C 306 9.93 33.82 -10.99
CA ASP C 306 8.68 33.69 -10.24
C ASP C 306 8.86 33.02 -8.89
N VAL C 307 10.01 32.38 -8.67
CA VAL C 307 10.25 31.72 -7.42
C VAL C 307 10.25 32.73 -6.26
N ASP C 308 9.90 32.22 -5.08
CA ASP C 308 10.03 32.93 -3.83
C ASP C 308 11.05 32.18 -3.01
N VAL C 309 11.99 32.91 -2.41
CA VAL C 309 12.96 32.31 -1.52
C VAL C 309 12.63 32.84 -0.13
N VAL C 310 12.51 31.95 0.84
CA VAL C 310 12.16 32.35 2.20
C VAL C 310 12.89 31.56 3.25
N VAL C 311 12.86 32.05 4.48
CA VAL C 311 13.44 31.34 5.63
C VAL C 311 12.33 30.59 6.36
N SER C 312 12.64 29.41 6.89
CA SER C 312 11.65 28.63 7.63
C SER C 312 11.23 29.32 8.93
N ASP C 313 9.99 29.07 9.34
CA ASP C 313 9.50 29.48 10.64
C ASP C 313 9.58 28.32 11.65
N LEU C 314 9.56 27.09 11.15
CA LEU C 314 9.48 25.90 12.01
C LEU C 314 10.54 25.83 13.12
N VAL C 315 10.13 25.30 14.26
CA VAL C 315 11.03 24.99 15.37
C VAL C 315 11.08 23.46 15.51
N ASP C 316 12.29 22.90 15.63
CA ASP C 316 12.49 21.46 15.62
C ASP C 316 11.87 20.83 14.36
N PRO C 317 12.22 21.37 13.19
CA PRO C 317 11.60 20.86 11.97
C PRO C 317 11.93 19.40 11.67
N ALA C 318 13.06 18.91 12.18
CA ALA C 318 13.44 17.50 12.00
C ALA C 318 12.45 16.64 12.75
N LEU C 319 12.10 17.07 13.95
CA LEU C 319 11.14 16.34 14.76
C LEU C 319 9.75 16.43 14.13
N LEU C 320 9.42 17.60 13.61
CA LEU C 320 8.14 17.80 12.93
C LEU C 320 8.07 16.94 11.65
N GLY C 321 9.21 16.80 10.97
CA GLY C 321 9.32 16.00 9.77
C GLY C 321 9.18 14.51 10.08
N ALA C 322 9.83 14.06 11.14
CA ALA C 322 9.70 12.68 11.59
C ALA C 322 8.23 12.35 11.86
N ALA C 323 7.56 13.21 12.61
CA ALA C 323 6.16 13.01 12.97
C ALA C 323 5.23 12.97 11.76
N SER C 324 5.56 13.74 10.72
CA SER C 324 4.70 13.84 9.55
C SER C 324 4.64 12.53 8.74
N MET C 325 5.68 11.71 8.80
CA MET C 325 5.67 10.45 8.04
C MET C 325 4.54 9.57 8.56
N VAL C 326 4.46 9.49 9.88
CA VAL C 326 3.43 8.70 10.54
C VAL C 326 2.06 9.28 10.30
N LEU C 327 1.94 10.60 10.47
CA LEU C 327 0.66 11.28 10.37
C LEU C 327 0.10 11.18 8.95
N ASP C 328 0.92 11.45 7.95
CA ASP C 328 0.46 11.39 6.57
C ASP C 328 0.18 9.97 6.04
N TYR C 329 0.53 8.93 6.81
CA TYR C 329 0.15 7.55 6.46
C TYR C 329 -1.11 7.14 7.25
N THR C 330 -2.13 8.02 7.19
CA THR C 330 -3.46 7.84 7.84
C THR C 330 -3.44 7.12 9.19
ZN ZN D . -26.31 11.93 20.18
UNK UNX E . -47.76 -1.58 33.41
UNK UNX F . -25.19 -7.91 11.21
ZN ZN G . -5.02 -28.75 -21.07
UNK UNX H . 14.42 -20.17 -16.03
ZN ZN I . 30.88 17.45 -1.70
UNK UNX J . 7.46 27.48 7.78
#